data_5UEJ
#
_entry.id   5UEJ
#
_cell.length_a   74.767
_cell.length_b   88.644
_cell.length_c   133.402
_cell.angle_alpha   90.00
_cell.angle_beta   90.00
_cell.angle_gamma   90.00
#
_symmetry.space_group_name_H-M   'P 21 21 21'
#
loop_
_entity.id
_entity.type
_entity.pdbx_description
1 polymer 'Succinyl-diaminopimelate desuccinylase'
2 non-polymer 'ZINC ION'
3 non-polymer 'SULFATE ION'
4 water water
#
_entity_poly.entity_id   1
_entity_poly.type   'polypeptide(L)'
_entity_poly.pdbx_seq_one_letter_code
;SNAMTETQSLELAKELISRPSVTPDDRDCQKLLAERLHKIGFAAEELHFGDTKNIWLRRGTKAPVVCFAGHTDVVPTGPV
EKWDSPPFEPAERDGRLYGRGAADMKTSIACFVTACERFVAKHPNHQGSIALLITSDEEGDALDGTTKVVDVLKARDELI
DYCIVGEPTAVDKLGDMIKNGRRGSLSGNLTVKGKQGHIAYPHLAINPVHTFAPALLELTQEVWDEGNEYFPPTSFQISN
INGGTGATNVIPGELNVKFNFRFSTESTEAGLKQRVHAILDKHGVQYDLQWSCSGQPFLTQAGKLTDVARAAIAETCGIE
AELSTTGGTSDGRFIKAIAQELIELGPSNATIHQINENVRLNDIPKLSAVYEGILARLLAGNAV
;
_entity_poly.pdbx_strand_id   A,B
#
loop_
_chem_comp.id
_chem_comp.type
_chem_comp.name
_chem_comp.formula
SO4 non-polymer 'SULFATE ION' 'O4 S -2'
ZN non-polymer 'ZINC ION' 'Zn 2'
#
# COMPACT_ATOMS: atom_id res chain seq x y z
N GLU A 6 17.62 -51.96 12.63
CA GLU A 6 18.82 -51.14 13.00
C GLU A 6 18.40 -49.89 13.68
N THR A 7 19.15 -49.52 14.66
CA THR A 7 18.87 -48.25 15.39
C THR A 7 20.08 -47.30 15.25
N GLN A 8 21.06 -47.62 14.43
CA GLN A 8 22.23 -46.76 14.24
C GLN A 8 21.86 -45.46 13.60
N SER A 9 20.98 -45.46 12.63
CA SER A 9 20.55 -44.24 12.00
C SER A 9 19.94 -43.25 13.01
N LEU A 10 19.03 -43.76 13.85
CA LEU A 10 18.42 -42.94 14.87
C LEU A 10 19.47 -42.41 15.81
N GLU A 11 20.39 -43.24 16.24
CA GLU A 11 21.38 -42.79 17.20
C GLU A 11 22.26 -41.68 16.65
N LEU A 12 22.71 -41.87 15.41
CA LEU A 12 23.47 -40.84 14.72
C LEU A 12 22.72 -39.54 14.49
N ALA A 13 21.49 -39.68 14.11
CA ALA A 13 20.63 -38.49 13.93
C ALA A 13 20.58 -37.65 15.24
N LYS A 14 20.35 -38.35 16.36
CA LYS A 14 20.27 -37.69 17.64
C LYS A 14 21.59 -37.05 17.95
N GLU A 15 22.72 -37.74 17.70
CA GLU A 15 23.99 -37.09 17.94
C GLU A 15 24.15 -35.76 17.12
N LEU A 16 23.82 -35.79 15.83
CA LEU A 16 23.89 -34.61 15.04
C LEU A 16 22.98 -33.53 15.49
N ILE A 17 21.74 -33.86 15.80
CA ILE A 17 20.71 -32.88 16.21
C ILE A 17 21.14 -32.19 17.46
N SER A 18 21.83 -32.89 18.32
CA SER A 18 22.22 -32.29 19.61
CA SER A 18 22.25 -32.31 19.61
C SER A 18 23.27 -31.19 19.44
N ARG A 19 23.92 -31.10 18.26
CA ARG A 19 24.95 -30.01 17.98
C ARG A 19 24.27 -28.81 17.43
N PRO A 20 24.39 -27.64 18.11
CA PRO A 20 23.61 -26.45 17.73
C PRO A 20 24.25 -25.72 16.58
N SER A 21 24.18 -26.30 15.37
CA SER A 21 24.86 -25.86 14.22
C SER A 21 24.07 -24.81 13.42
N VAL A 22 23.71 -23.70 14.06
CA VAL A 22 23.04 -22.63 13.36
C VAL A 22 24.02 -21.99 12.43
N THR A 23 23.49 -21.80 11.21
CA THR A 23 24.35 -21.30 10.09
C THR A 23 25.27 -20.14 10.53
N PRO A 24 26.55 -20.14 10.17
CA PRO A 24 27.31 -21.13 9.41
C PRO A 24 28.14 -22.04 10.28
N ASP A 25 27.78 -22.13 11.56
CA ASP A 25 28.60 -22.94 12.51
C ASP A 25 28.35 -24.43 12.35
N ASP A 26 29.37 -25.21 12.03
CA ASP A 26 29.25 -26.65 11.88
C ASP A 26 29.21 -27.41 13.16
N ARG A 27 29.70 -26.81 14.26
CA ARG A 27 29.82 -27.52 15.57
C ARG A 27 30.41 -28.91 15.54
N ASP A 28 31.40 -29.04 14.76
CA ASP A 28 32.19 -30.28 14.67
C ASP A 28 31.39 -31.45 14.01
N CYS A 29 30.25 -31.14 13.37
CA CYS A 29 29.51 -32.24 12.67
C CYS A 29 30.36 -32.85 11.55
N GLN A 30 31.05 -32.04 10.75
CA GLN A 30 31.86 -32.59 9.68
C GLN A 30 33.04 -33.38 10.20
N LYS A 31 33.60 -33.01 11.34
CA LYS A 31 34.70 -33.82 12.00
C LYS A 31 34.13 -35.17 12.35
N LEU A 32 32.96 -35.21 13.00
CA LEU A 32 32.31 -36.47 13.35
C LEU A 32 32.08 -37.37 12.20
N LEU A 33 31.55 -36.81 11.13
CA LEU A 33 31.28 -37.63 9.97
C LEU A 33 32.58 -38.16 9.35
N ALA A 34 33.61 -37.32 9.20
CA ALA A 34 34.85 -37.79 8.61
C ALA A 34 35.48 -38.94 9.44
N GLU A 35 35.51 -38.72 10.74
CA GLU A 35 36.14 -39.69 11.57
C GLU A 35 35.38 -41.01 11.57
N ARG A 36 34.05 -40.98 11.43
CA ARG A 36 33.22 -42.22 11.41
C ARG A 36 33.50 -42.93 10.10
N LEU A 37 33.46 -42.20 8.97
CA LEU A 37 33.67 -42.85 7.69
C LEU A 37 35.05 -43.25 7.32
N HIS A 38 36.04 -42.71 7.99
CA HIS A 38 37.43 -43.12 7.72
C HIS A 38 37.68 -44.61 7.86
N LYS A 39 36.98 -45.17 8.76
CA LYS A 39 37.13 -46.63 8.94
C LYS A 39 36.85 -47.42 7.66
N ILE A 40 35.98 -46.90 6.84
CA ILE A 40 35.60 -47.61 5.64
C ILE A 40 36.02 -46.96 4.35
N GLY A 41 37.19 -46.30 4.37
CA GLY A 41 37.87 -45.82 3.25
C GLY A 41 37.42 -44.60 2.67
N PHE A 42 36.76 -43.75 3.47
CA PHE A 42 36.41 -42.48 2.88
C PHE A 42 37.59 -41.48 3.22
N ALA A 43 38.25 -40.96 2.21
CA ALA A 43 39.26 -39.88 2.33
C ALA A 43 38.47 -38.58 2.58
N ALA A 44 39.03 -37.74 3.45
CA ALA A 44 38.43 -36.47 3.80
C ALA A 44 39.23 -35.32 3.25
N GLU A 45 38.53 -34.39 2.63
CA GLU A 45 39.15 -33.17 2.17
C GLU A 45 38.35 -31.97 2.66
N GLU A 46 38.96 -31.13 3.52
CA GLU A 46 38.30 -29.96 3.94
C GLU A 46 38.42 -28.86 2.89
N LEU A 47 37.30 -28.16 2.61
CA LEU A 47 37.22 -27.10 1.59
C LEU A 47 36.57 -25.95 2.23
N HIS A 48 37.24 -25.31 3.14
CA HIS A 48 36.68 -24.21 3.88
C HIS A 48 36.82 -22.87 3.12
N PHE A 49 35.84 -22.01 3.17
CA PHE A 49 35.89 -20.76 2.50
C PHE A 49 35.19 -19.77 3.41
N GLY A 50 35.80 -18.61 3.54
CA GLY A 50 35.24 -17.67 4.48
C GLY A 50 35.02 -18.24 5.89
N ASP A 51 33.80 -18.06 6.38
CA ASP A 51 33.42 -18.60 7.68
C ASP A 51 32.60 -19.93 7.56
N THR A 52 32.62 -20.52 6.38
CA THR A 52 31.88 -21.76 6.11
C THR A 52 32.79 -22.94 6.07
N LYS A 53 32.38 -24.04 6.63
CA LYS A 53 33.12 -25.27 6.51
C LYS A 53 32.39 -26.19 5.51
N ASN A 54 33.17 -26.71 4.60
CA ASN A 54 32.70 -27.73 3.65
C ASN A 54 33.63 -28.89 3.68
N ILE A 55 33.14 -30.07 3.35
CA ILE A 55 34.00 -31.24 3.32
C ILE A 55 33.54 -32.15 2.12
N TRP A 56 34.52 -32.74 1.46
CA TRP A 56 34.34 -33.72 0.40
C TRP A 56 34.94 -35.01 0.93
N LEU A 57 34.03 -36.01 1.13
CA LEU A 57 34.43 -37.28 1.64
C LEU A 57 34.31 -38.27 0.50
N ARG A 58 35.32 -39.06 0.20
CA ARG A 58 35.21 -39.89 -0.97
C ARG A 58 35.89 -41.30 -0.70
N ARG A 59 35.13 -42.36 -0.98
CA ARG A 59 35.64 -43.71 -1.02
C ARG A 59 35.71 -44.18 -2.51
N GLY A 60 36.91 -44.53 -3.00
CA GLY A 60 37.01 -44.95 -4.35
C GLY A 60 37.68 -43.87 -5.22
N THR A 61 38.11 -44.35 -6.37
CA THR A 61 38.82 -43.56 -7.38
C THR A 61 38.27 -43.50 -8.76
N LYS A 62 37.34 -44.39 -9.01
CA LYS A 62 36.76 -44.62 -10.32
C LYS A 62 35.25 -44.39 -10.40
N ALA A 63 34.77 -44.11 -11.60
CA ALA A 63 33.35 -44.02 -11.90
C ALA A 63 32.70 -45.39 -11.91
N PRO A 64 31.41 -45.44 -11.60
CA PRO A 64 30.54 -44.27 -11.36
C PRO A 64 30.67 -43.73 -9.93
N VAL A 65 30.53 -42.42 -9.85
CA VAL A 65 30.61 -41.71 -8.60
C VAL A 65 29.20 -41.42 -8.16
N VAL A 66 28.82 -41.92 -6.98
CA VAL A 66 27.54 -41.66 -6.32
C VAL A 66 27.77 -40.78 -5.13
N CYS A 67 27.15 -39.60 -5.19
CA CYS A 67 27.32 -38.62 -4.12
C CYS A 67 26.03 -38.30 -3.39
N PHE A 68 26.11 -38.30 -2.04
CA PHE A 68 25.07 -37.71 -1.21
C PHE A 68 25.56 -36.29 -0.88
N ALA A 69 24.64 -35.33 -1.07
CA ALA A 69 24.95 -33.96 -0.70
C ALA A 69 23.95 -33.47 0.35
N GLY A 70 24.49 -32.64 1.25
CA GLY A 70 23.63 -32.05 2.26
C GLY A 70 24.33 -30.96 3.03
N HIS A 71 23.66 -30.58 4.10
CA HIS A 71 24.11 -29.46 4.90
C HIS A 71 23.95 -29.80 6.36
N THR A 72 24.96 -29.42 7.15
CA THR A 72 24.90 -29.60 8.61
C THR A 72 24.32 -28.41 9.29
N ASP A 73 24.21 -27.29 8.66
CA ASP A 73 23.60 -26.10 9.33
C ASP A 73 22.10 -26.23 9.49
N VAL A 74 21.53 -25.59 10.45
CA VAL A 74 20.12 -25.51 10.64
C VAL A 74 19.71 -24.08 10.82
N VAL A 75 18.43 -23.79 10.59
CA VAL A 75 17.94 -22.45 10.77
C VAL A 75 17.76 -22.16 12.27
N PRO A 76 17.71 -20.86 12.62
CA PRO A 76 17.51 -20.49 14.04
C PRO A 76 16.23 -21.10 14.66
N THR A 77 16.26 -21.29 15.96
CA THR A 77 15.17 -21.90 16.66
C THR A 77 14.08 -20.91 17.01
N GLY A 78 14.37 -19.62 17.14
CA GLY A 78 13.53 -18.70 17.88
C GLY A 78 13.48 -19.09 19.34
N PRO A 79 12.76 -18.30 20.15
CA PRO A 79 12.80 -18.55 21.59
C PRO A 79 12.47 -19.93 21.98
N VAL A 80 13.35 -20.56 22.77
CA VAL A 80 13.22 -21.96 23.16
C VAL A 80 11.91 -22.29 23.89
N GLU A 81 11.42 -21.34 24.66
CA GLU A 81 10.16 -21.52 25.35
C GLU A 81 8.92 -21.72 24.44
N LYS A 82 9.00 -21.40 23.14
CA LYS A 82 7.87 -21.71 22.24
C LYS A 82 7.85 -23.17 21.74
N TRP A 83 8.91 -23.87 22.00
CA TRP A 83 9.01 -25.30 21.61
C TRP A 83 8.44 -26.18 22.74
N ASP A 84 7.92 -27.37 22.40
CA ASP A 84 7.40 -28.33 23.40
C ASP A 84 8.54 -29.07 24.12
N SER A 85 9.69 -29.23 23.45
CA SER A 85 10.88 -29.75 23.99
C SER A 85 12.09 -28.95 23.38
N PRO A 86 13.25 -28.95 24.09
CA PRO A 86 14.32 -28.04 23.64
C PRO A 86 14.83 -28.49 22.24
N PRO A 87 15.05 -27.48 21.38
CA PRO A 87 15.37 -27.82 19.99
C PRO A 87 16.65 -28.58 19.78
N PHE A 88 17.66 -28.45 20.65
CA PHE A 88 18.86 -29.23 20.52
C PHE A 88 18.99 -30.32 21.55
N GLU A 89 17.86 -30.73 22.13
CA GLU A 89 17.83 -31.90 22.99
C GLU A 89 16.85 -32.91 22.39
N PRO A 90 17.35 -33.66 21.37
CA PRO A 90 16.40 -34.47 20.61
C PRO A 90 15.55 -35.40 21.48
N ALA A 91 14.24 -35.39 21.22
CA ALA A 91 13.25 -36.13 21.98
C ALA A 91 12.35 -37.04 21.19
N GLU A 92 12.10 -38.26 21.72
CA GLU A 92 11.11 -39.11 21.13
C GLU A 92 9.80 -38.90 21.83
N ARG A 93 8.79 -38.64 21.04
CA ARG A 93 7.43 -38.47 21.61
C ARG A 93 6.39 -38.76 20.54
N ASP A 94 5.34 -39.58 20.83
CA ASP A 94 4.24 -39.78 19.91
C ASP A 94 4.71 -40.31 18.57
N GLY A 95 5.67 -41.23 18.62
CA GLY A 95 6.15 -41.82 17.36
C GLY A 95 7.04 -40.91 16.49
N ARG A 96 7.48 -39.78 17.02
CA ARG A 96 8.27 -38.77 16.32
C ARG A 96 9.56 -38.44 17.07
N LEU A 97 10.58 -38.07 16.32
CA LEU A 97 11.79 -37.48 16.83
C LEU A 97 11.81 -35.99 16.59
N TYR A 98 11.77 -35.22 17.69
CA TYR A 98 11.67 -33.78 17.67
C TYR A 98 13.04 -33.13 17.88
N GLY A 99 13.30 -32.11 17.03
CA GLY A 99 14.49 -31.28 17.29
C GLY A 99 14.75 -30.45 15.99
N ARG A 100 15.48 -29.38 16.16
CA ARG A 100 15.87 -28.59 14.99
C ARG A 100 16.86 -29.41 14.13
N GLY A 101 16.53 -29.55 12.85
CA GLY A 101 17.33 -30.42 12.02
C GLY A 101 16.81 -31.82 11.90
N ALA A 102 15.84 -32.22 12.67
CA ALA A 102 15.26 -33.59 12.53
C ALA A 102 14.71 -33.89 11.15
N ALA A 103 14.11 -32.87 10.54
CA ALA A 103 13.65 -33.03 9.14
C ALA A 103 14.58 -32.45 8.15
N ASP A 104 15.22 -31.31 8.51
CA ASP A 104 15.97 -30.53 7.58
C ASP A 104 17.33 -30.22 8.15
N MET A 105 18.36 -31.09 8.03
CA MET A 105 18.28 -32.33 7.30
CA MET A 105 18.29 -32.33 7.29
C MET A 105 19.19 -33.39 7.90
N LYS A 106 19.38 -33.29 9.22
CA LYS A 106 20.35 -34.19 9.87
C LYS A 106 19.93 -35.63 9.83
N THR A 107 18.67 -35.91 9.89
CA THR A 107 18.29 -37.35 9.79
C THR A 107 18.69 -37.95 8.44
N SER A 108 18.56 -37.16 7.39
CA SER A 108 19.03 -37.70 6.08
C SER A 108 20.50 -38.02 6.09
N ILE A 109 21.31 -37.08 6.66
CA ILE A 109 22.77 -37.32 6.73
C ILE A 109 23.06 -38.64 7.49
N ALA A 110 22.42 -38.77 8.64
CA ALA A 110 22.69 -39.95 9.42
C ALA A 110 22.25 -41.23 8.69
N CYS A 111 21.13 -41.16 8.02
CA CYS A 111 20.63 -42.29 7.25
C CYS A 111 21.58 -42.65 6.10
N PHE A 112 22.20 -41.67 5.44
CA PHE A 112 23.12 -42.01 4.37
C PHE A 112 24.40 -42.65 4.95
N VAL A 113 24.91 -42.03 6.04
CA VAL A 113 26.12 -42.62 6.63
C VAL A 113 25.93 -44.10 6.99
N THR A 114 24.81 -44.40 7.64
CA THR A 114 24.62 -45.82 8.00
C THR A 114 24.37 -46.72 6.78
N ALA A 115 23.75 -46.17 5.76
CA ALA A 115 23.59 -46.89 4.50
C ALA A 115 24.96 -47.23 3.92
N CYS A 116 25.90 -46.31 3.95
CA CYS A 116 27.26 -46.60 3.44
C CYS A 116 27.88 -47.70 4.29
N GLU A 117 27.73 -47.61 5.60
CA GLU A 117 28.39 -48.58 6.47
C GLU A 117 27.84 -49.96 6.09
N ARG A 118 26.53 -50.12 6.05
CA ARG A 118 25.95 -51.41 5.69
C ARG A 118 26.29 -51.93 4.31
N PHE A 119 26.26 -51.00 3.34
CA PHE A 119 26.57 -51.36 2.00
C PHE A 119 28.02 -51.82 1.84
N VAL A 120 28.94 -51.08 2.42
CA VAL A 120 30.34 -51.41 2.29
C VAL A 120 30.69 -52.68 3.05
N ALA A 121 30.00 -52.94 4.16
CA ALA A 121 30.20 -54.24 4.85
C ALA A 121 29.78 -55.41 3.92
N LYS A 122 28.71 -55.24 3.18
CA LYS A 122 28.19 -56.27 2.28
C LYS A 122 29.04 -56.40 1.08
N HIS A 123 29.52 -55.27 0.57
CA HIS A 123 30.16 -55.23 -0.76
C HIS A 123 31.49 -54.47 -0.66
N PRO A 124 32.50 -55.01 -0.02
CA PRO A 124 33.68 -54.24 0.18
C PRO A 124 34.42 -54.03 -1.12
N ASN A 125 34.07 -54.75 -2.18
CA ASN A 125 34.71 -54.61 -3.50
C ASN A 125 33.83 -54.00 -4.53
N HIS A 126 32.86 -53.22 -4.08
CA HIS A 126 31.93 -52.63 -5.00
C HIS A 126 32.62 -51.77 -6.11
N GLN A 127 31.96 -51.67 -7.26
CA GLN A 127 32.49 -50.86 -8.32
C GLN A 127 32.27 -49.35 -7.93
N GLY A 128 32.99 -48.49 -8.58
CA GLY A 128 32.81 -47.07 -8.47
C GLY A 128 33.21 -46.45 -7.14
N SER A 129 32.60 -45.34 -6.87
CA SER A 129 32.97 -44.48 -5.73
C SER A 129 31.72 -44.01 -5.00
N ILE A 130 31.84 -43.68 -3.73
CA ILE A 130 30.80 -43.11 -2.97
C ILE A 130 31.42 -41.82 -2.39
N ALA A 131 30.65 -40.69 -2.48
CA ALA A 131 31.15 -39.45 -1.93
C ALA A 131 30.05 -38.77 -1.09
N LEU A 132 30.47 -37.91 -0.14
CA LEU A 132 29.53 -37.00 0.53
C LEU A 132 30.05 -35.61 0.32
N LEU A 133 29.15 -34.68 -0.03
CA LEU A 133 29.46 -33.25 -0.23
C LEU A 133 28.65 -32.49 0.82
N ILE A 134 29.34 -32.04 1.87
CA ILE A 134 28.61 -31.50 3.02
C ILE A 134 29.05 -30.07 3.33
N THR A 135 28.06 -29.15 3.46
CA THR A 135 28.31 -27.78 3.75
C THR A 135 27.73 -27.38 5.13
N SER A 136 28.35 -26.32 5.71
CA SER A 136 27.78 -25.71 6.90
C SER A 136 27.01 -24.41 6.57
N ASP A 137 26.77 -24.12 5.31
CA ASP A 137 25.88 -23.00 4.98
C ASP A 137 25.10 -23.31 3.71
N GLU A 138 24.02 -23.98 3.89
CA GLU A 138 22.97 -23.98 2.89
C GLU A 138 21.80 -23.15 3.25
N GLU A 139 21.57 -22.78 4.56
CA GLU A 139 20.38 -22.12 4.91
C GLU A 139 20.53 -20.52 4.88
N GLY A 140 21.75 -20.05 4.83
CA GLY A 140 22.00 -18.65 4.86
C GLY A 140 22.29 -18.11 3.45
N ASP A 141 23.27 -17.20 3.33
CA ASP A 141 23.53 -16.72 1.98
C ASP A 141 24.11 -17.75 1.03
N ALA A 142 24.72 -18.78 1.58
CA ALA A 142 25.20 -19.92 0.77
C ALA A 142 26.20 -19.52 -0.30
N LEU A 143 26.94 -18.42 -0.07
CA LEU A 143 27.93 -18.01 -1.09
C LEU A 143 29.28 -18.62 -0.89
N ASP A 144 29.58 -19.24 0.21
CA ASP A 144 30.88 -19.88 0.51
C ASP A 144 30.72 -21.36 0.80
N GLY A 145 29.57 -21.90 0.38
CA GLY A 145 29.24 -23.30 0.69
C GLY A 145 29.40 -24.25 -0.50
N THR A 146 28.34 -25.01 -0.76
CA THR A 146 28.36 -25.96 -1.88
C THR A 146 28.84 -25.36 -3.15
N THR A 147 28.39 -24.14 -3.47
CA THR A 147 28.77 -23.51 -4.75
C THR A 147 30.34 -23.51 -4.95
N LYS A 148 31.08 -23.24 -3.89
N LYS A 148 31.08 -23.24 -3.89
CA LYS A 148 32.51 -23.18 -4.01
CA LYS A 148 32.50 -23.18 -4.00
C LYS A 148 33.15 -24.59 -4.15
C LYS A 148 33.14 -24.58 -4.14
N VAL A 149 32.55 -25.56 -3.48
CA VAL A 149 33.02 -26.93 -3.63
C VAL A 149 32.84 -27.43 -5.06
N VAL A 150 31.63 -27.14 -5.60
CA VAL A 150 31.34 -27.52 -6.99
C VAL A 150 32.40 -26.91 -7.94
N ASP A 151 32.71 -25.66 -7.76
CA ASP A 151 33.72 -25.02 -8.61
C ASP A 151 35.05 -25.73 -8.49
N VAL A 152 35.47 -26.08 -7.29
CA VAL A 152 36.72 -26.85 -7.10
C VAL A 152 36.73 -28.16 -7.87
N LEU A 153 35.63 -28.90 -7.67
CA LEU A 153 35.51 -30.21 -8.34
C LEU A 153 35.46 -30.10 -9.83
N LYS A 154 34.70 -29.11 -10.37
CA LYS A 154 34.66 -28.95 -11.80
C LYS A 154 36.05 -28.62 -12.38
N ALA A 155 36.76 -27.73 -11.67
CA ALA A 155 38.00 -27.30 -12.24
C ALA A 155 39.07 -28.38 -12.32
N ARG A 156 38.95 -29.41 -11.51
CA ARG A 156 39.88 -30.51 -11.50
C ARG A 156 39.27 -31.76 -12.20
N ASP A 157 38.13 -31.62 -12.83
CA ASP A 157 37.48 -32.67 -13.61
C ASP A 157 37.02 -33.82 -12.74
N GLU A 158 36.66 -33.54 -11.48
CA GLU A 158 36.16 -34.56 -10.57
C GLU A 158 34.63 -34.51 -10.53
N LEU A 159 34.00 -35.13 -11.50
CA LEU A 159 32.56 -35.01 -11.72
C LEU A 159 31.80 -36.15 -11.04
N ILE A 160 30.50 -35.97 -10.97
CA ILE A 160 29.63 -36.90 -10.29
C ILE A 160 28.70 -37.54 -11.32
N ASP A 161 28.43 -38.84 -11.19
CA ASP A 161 27.51 -39.51 -12.06
C ASP A 161 26.09 -39.44 -11.55
N TYR A 162 25.89 -39.67 -10.25
CA TYR A 162 24.61 -39.68 -9.63
C TYR A 162 24.66 -38.97 -8.29
N CYS A 163 23.80 -37.97 -8.09
CA CYS A 163 23.80 -37.30 -6.82
C CYS A 163 22.38 -37.34 -6.19
N ILE A 164 22.35 -37.67 -4.93
N ILE A 164 22.36 -37.63 -4.92
CA ILE A 164 21.20 -37.60 -4.04
CA ILE A 164 21.17 -37.57 -4.06
C ILE A 164 21.40 -36.47 -3.03
C ILE A 164 21.37 -36.48 -3.03
N VAL A 165 20.56 -35.42 -3.14
CA VAL A 165 20.59 -34.31 -2.16
C VAL A 165 19.53 -34.68 -1.12
N GLY A 166 19.91 -34.84 0.13
CA GLY A 166 19.04 -35.33 1.20
C GLY A 166 18.03 -34.38 1.79
N GLU A 167 17.61 -33.39 1.04
CA GLU A 167 16.60 -32.50 1.57
C GLU A 167 15.32 -33.25 1.80
N PRO A 168 14.44 -32.79 2.73
CA PRO A 168 13.14 -33.42 2.90
C PRO A 168 12.26 -33.12 1.71
N THR A 169 11.74 -34.21 1.12
CA THR A 169 10.92 -34.12 -0.10
C THR A 169 9.56 -34.76 0.06
N ALA A 170 9.31 -35.57 1.09
CA ALA A 170 8.05 -36.30 1.16
C ALA A 170 6.91 -35.28 1.47
N VAL A 171 5.71 -35.62 1.05
CA VAL A 171 4.54 -34.89 1.39
C VAL A 171 3.95 -35.43 2.66
N ASP A 172 3.48 -36.66 2.60
CA ASP A 172 2.75 -37.34 3.74
C ASP A 172 3.33 -38.63 4.22
N LYS A 173 3.89 -39.43 3.33
CA LYS A 173 4.61 -40.72 3.61
C LYS A 173 6.00 -40.65 3.02
N LEU A 174 6.97 -41.23 3.76
CA LEU A 174 8.31 -41.31 3.21
C LEU A 174 8.30 -42.00 1.86
N GLY A 175 8.95 -41.36 0.88
CA GLY A 175 9.06 -41.91 -0.41
C GLY A 175 7.96 -41.55 -1.38
N ASP A 176 6.96 -40.79 -0.97
CA ASP A 176 5.92 -40.41 -1.86
C ASP A 176 6.28 -39.40 -2.89
N MET A 177 7.41 -38.75 -2.71
CA MET A 177 7.84 -37.68 -3.59
C MET A 177 9.36 -37.56 -3.57
N ILE A 178 9.92 -37.46 -4.77
CA ILE A 178 11.31 -37.12 -4.99
C ILE A 178 11.38 -35.90 -5.86
N LYS A 179 12.42 -35.08 -5.75
CA LYS A 179 12.57 -33.93 -6.64
C LYS A 179 13.59 -34.26 -7.70
N ASN A 180 13.22 -33.99 -8.94
CA ASN A 180 14.18 -34.09 -10.06
C ASN A 180 14.59 -32.78 -10.63
N GLY A 181 14.16 -31.66 -10.02
CA GLY A 181 14.58 -30.33 -10.44
C GLY A 181 13.91 -29.34 -9.48
N ARG A 182 14.20 -28.06 -9.76
CA ARG A 182 13.61 -26.96 -8.97
C ARG A 182 13.55 -25.74 -9.90
N ARG A 183 12.64 -24.85 -9.57
CA ARG A 183 12.54 -23.52 -10.19
C ARG A 183 13.71 -22.65 -9.74
N GLY A 184 13.96 -21.63 -10.55
CA GLY A 184 14.78 -20.51 -10.14
C GLY A 184 13.89 -19.39 -9.59
N SER A 185 14.50 -18.32 -9.07
CA SER A 185 13.85 -17.23 -8.41
C SER A 185 14.39 -15.92 -8.86
N LEU A 186 13.50 -15.02 -9.38
CA LEU A 186 13.87 -13.71 -9.86
C LEU A 186 12.94 -12.67 -9.19
N SER A 187 13.53 -11.67 -8.55
CA SER A 187 12.70 -10.71 -7.83
C SER A 187 12.88 -9.27 -8.33
N GLY A 188 11.80 -8.54 -8.37
CA GLY A 188 11.76 -7.16 -8.73
C GLY A 188 11.23 -6.27 -7.62
N ASN A 189 11.81 -5.05 -7.56
CA ASN A 189 11.39 -4.03 -6.62
C ASN A 189 11.09 -2.79 -7.47
N LEU A 190 9.86 -2.56 -7.74
CA LEU A 190 9.35 -1.53 -8.70
C LEU A 190 8.87 -0.29 -7.91
N THR A 191 9.28 0.89 -8.38
CA THR A 191 8.71 2.11 -7.81
C THR A 191 8.19 3.02 -8.92
N VAL A 192 6.84 3.03 -8.99
CA VAL A 192 6.14 3.78 -10.00
C VAL A 192 6.07 5.24 -9.56
N LYS A 193 6.44 6.12 -10.47
CA LYS A 193 6.46 7.53 -10.16
CA LYS A 193 6.52 7.57 -10.23
C LYS A 193 5.23 8.28 -10.61
N GLY A 194 4.73 9.08 -9.69
CA GLY A 194 3.61 9.98 -9.95
C GLY A 194 4.02 11.37 -9.49
N LYS A 195 3.06 12.10 -8.98
CA LYS A 195 3.28 13.53 -8.56
C LYS A 195 2.24 13.76 -7.49
N GLN A 196 2.66 13.93 -6.29
CA GLN A 196 1.86 14.06 -5.09
C GLN A 196 1.07 15.40 -5.17
N GLY A 197 -0.19 15.33 -4.64
CA GLY A 197 -1.01 16.51 -4.50
C GLY A 197 -2.27 16.32 -3.77
N HIS A 198 -2.92 17.43 -3.38
CA HIS A 198 -4.22 17.32 -2.79
C HIS A 198 -5.21 16.66 -3.75
N ILE A 199 -6.01 15.77 -3.23
CA ILE A 199 -6.87 14.92 -4.02
C ILE A 199 -7.92 15.70 -4.79
N ALA A 200 -8.33 16.86 -4.29
CA ALA A 200 -9.42 17.63 -4.95
C ALA A 200 -8.96 18.46 -6.09
N TYR A 201 -7.64 18.38 -6.41
CA TYR A 201 -7.03 19.11 -7.53
C TYR A 201 -6.21 18.14 -8.41
N PRO A 202 -6.87 17.12 -8.96
CA PRO A 202 -6.11 15.99 -9.56
C PRO A 202 -5.30 16.40 -10.77
N HIS A 203 -5.71 17.52 -11.42
CA HIS A 203 -4.96 18.01 -12.55
C HIS A 203 -3.56 18.50 -12.22
N LEU A 204 -3.27 18.72 -10.97
CA LEU A 204 -1.93 19.10 -10.50
C LEU A 204 -1.08 17.88 -10.03
N ALA A 205 -1.68 16.69 -10.15
CA ALA A 205 -1.05 15.48 -9.62
C ALA A 205 -1.02 14.42 -10.71
N ILE A 206 -0.28 13.35 -10.39
CA ILE A 206 -0.26 12.11 -11.22
C ILE A 206 -0.37 10.98 -10.22
N ASN A 207 -1.46 10.17 -10.35
CA ASN A 207 -1.70 9.11 -9.35
C ASN A 207 -1.01 7.82 -9.84
N PRO A 208 0.09 7.41 -9.17
CA PRO A 208 0.83 6.22 -9.65
C PRO A 208 0.03 4.93 -9.49
N VAL A 209 -0.96 4.91 -8.59
CA VAL A 209 -1.85 3.76 -8.56
C VAL A 209 -2.60 3.63 -9.83
N HIS A 210 -3.11 4.75 -10.33
CA HIS A 210 -3.87 4.75 -11.51
C HIS A 210 -3.00 4.47 -12.78
N THR A 211 -1.81 5.07 -12.82
CA THR A 211 -0.96 4.82 -13.96
C THR A 211 -0.56 3.34 -13.97
N PHE A 212 -0.30 2.78 -12.80
CA PHE A 212 0.15 1.35 -12.73
C PHE A 212 -0.96 0.34 -13.06
N ALA A 213 -2.22 0.71 -12.74
CA ALA A 213 -3.29 -0.27 -12.83
C ALA A 213 -3.39 -1.08 -14.10
N PRO A 214 -3.28 -0.52 -15.29
CA PRO A 214 -3.41 -1.38 -16.48
C PRO A 214 -2.23 -2.38 -16.58
N ALA A 215 -1.05 -1.92 -16.17
CA ALA A 215 0.12 -2.83 -16.19
C ALA A 215 0.00 -3.90 -15.13
N LEU A 216 -0.52 -3.51 -13.97
CA LEU A 216 -0.74 -4.49 -12.91
C LEU A 216 -1.62 -5.67 -13.38
N LEU A 217 -2.70 -5.30 -14.02
CA LEU A 217 -3.61 -6.31 -14.47
C LEU A 217 -2.93 -7.22 -15.51
N GLU A 218 -2.26 -6.57 -16.47
CA GLU A 218 -1.55 -7.35 -17.47
C GLU A 218 -0.55 -8.34 -16.87
N LEU A 219 0.21 -7.80 -15.93
CA LEU A 219 1.21 -8.66 -15.26
C LEU A 219 0.56 -9.84 -14.57
N THR A 220 -0.53 -9.62 -13.83
CA THR A 220 -1.11 -10.71 -13.05
C THR A 220 -1.85 -11.69 -13.95
N GLN A 221 -2.21 -11.32 -15.17
CA GLN A 221 -2.85 -12.23 -16.07
C GLN A 221 -1.92 -12.86 -17.04
N GLU A 222 -0.67 -12.46 -17.12
CA GLU A 222 0.25 -12.92 -18.14
C GLU A 222 0.51 -14.40 -17.89
N VAL A 223 0.61 -15.13 -19.06
CA VAL A 223 1.11 -16.51 -19.08
C VAL A 223 2.54 -16.37 -19.60
N TRP A 224 3.45 -16.66 -18.69
CA TRP A 224 4.85 -16.56 -18.97
C TRP A 224 5.36 -17.73 -19.79
N ASP A 225 4.90 -18.91 -19.39
CA ASP A 225 5.11 -20.16 -20.18
C ASP A 225 4.03 -21.14 -19.75
N GLU A 226 4.02 -22.28 -20.40
CA GLU A 226 2.95 -23.21 -20.09
C GLU A 226 3.42 -24.41 -19.34
N GLY A 227 4.61 -24.36 -18.76
CA GLY A 227 5.21 -25.48 -18.03
C GLY A 227 5.53 -26.59 -19.01
N ASN A 228 5.73 -27.81 -18.47
CA ASN A 228 6.09 -28.96 -19.35
C ASN A 228 5.89 -30.18 -18.50
N GLU A 229 6.41 -31.30 -19.00
CA GLU A 229 6.18 -32.58 -18.28
C GLU A 229 6.69 -32.56 -16.80
N TYR A 230 7.68 -31.72 -16.55
CA TYR A 230 8.30 -31.71 -15.25
C TYR A 230 7.99 -30.48 -14.35
N PHE A 231 7.62 -29.37 -14.96
CA PHE A 231 7.49 -28.11 -14.25
C PHE A 231 6.10 -27.49 -14.43
N PRO A 232 5.55 -26.93 -13.35
CA PRO A 232 4.42 -26.08 -13.53
C PRO A 232 4.78 -24.81 -14.35
N PRO A 233 3.77 -24.09 -14.82
CA PRO A 233 4.05 -22.79 -15.44
C PRO A 233 4.88 -21.86 -14.52
N THR A 234 5.74 -21.06 -15.12
CA THR A 234 6.41 -20.00 -14.36
C THR A 234 5.33 -19.15 -13.70
N SER A 235 5.66 -18.84 -12.42
CA SER A 235 4.74 -18.22 -11.49
C SER A 235 5.17 -16.81 -11.07
N PHE A 236 4.30 -15.82 -11.37
CA PHE A 236 4.52 -14.43 -10.96
C PHE A 236 3.56 -14.11 -9.81
N GLN A 237 4.11 -13.53 -8.71
CA GLN A 237 3.31 -13.18 -7.55
C GLN A 237 3.81 -11.83 -6.98
N ILE A 238 2.86 -10.95 -6.60
CA ILE A 238 3.22 -9.75 -5.88
C ILE A 238 3.22 -10.04 -4.37
N SER A 239 4.32 -9.70 -3.72
CA SER A 239 4.40 -9.85 -2.28
C SER A 239 4.03 -8.59 -1.48
N ASN A 240 4.29 -7.44 -2.05
CA ASN A 240 4.14 -6.20 -1.30
C ASN A 240 3.73 -5.07 -2.23
N ILE A 241 2.86 -4.19 -1.76
CA ILE A 241 2.46 -3.01 -2.56
C ILE A 241 2.20 -1.89 -1.55
N ASN A 242 2.80 -0.74 -1.73
CA ASN A 242 2.58 0.37 -0.77
C ASN A 242 2.71 1.72 -1.44
N GLY A 243 1.65 2.51 -1.34
CA GLY A 243 1.69 3.89 -1.83
C GLY A 243 0.71 4.70 -1.00
N GLY A 244 1.10 5.97 -0.79
CA GLY A 244 0.33 6.95 -0.05
C GLY A 244 1.01 7.42 1.16
N THR A 245 0.52 8.50 1.71
CA THR A 245 1.10 9.10 2.92
C THR A 245 0.31 8.78 4.15
N GLY A 246 -0.81 8.11 4.03
CA GLY A 246 -1.77 7.92 5.05
C GLY A 246 -2.94 8.89 5.03
N ALA A 247 -2.73 10.03 4.43
CA ALA A 247 -3.85 11.02 4.35
C ALA A 247 -4.85 10.57 3.27
N THR A 248 -6.11 10.70 3.57
CA THR A 248 -7.16 10.28 2.64
C THR A 248 -7.59 11.38 1.64
N ASN A 249 -6.91 12.53 1.71
CA ASN A 249 -7.16 13.62 0.81
C ASN A 249 -5.85 13.98 0.05
N VAL A 250 -4.93 12.98 -0.17
CA VAL A 250 -3.72 13.16 -0.90
C VAL A 250 -3.60 12.08 -1.95
N ILE A 251 -3.19 12.48 -3.12
CA ILE A 251 -2.77 11.59 -4.20
C ILE A 251 -1.30 11.24 -4.01
N PRO A 252 -0.92 9.95 -3.97
CA PRO A 252 0.49 9.63 -3.73
C PRO A 252 1.46 10.12 -4.74
N GLY A 253 2.72 10.33 -4.40
CA GLY A 253 3.74 10.65 -5.33
C GLY A 253 4.45 9.43 -5.93
N GLU A 254 4.31 8.30 -5.31
CA GLU A 254 4.98 7.09 -5.80
C GLU A 254 4.26 5.87 -5.24
N LEU A 255 4.52 4.70 -5.91
CA LEU A 255 3.94 3.46 -5.51
C LEU A 255 5.03 2.37 -5.57
N ASN A 256 5.27 1.69 -4.49
CA ASN A 256 6.28 0.60 -4.45
C ASN A 256 5.58 -0.73 -4.57
N VAL A 257 6.13 -1.62 -5.40
CA VAL A 257 5.58 -2.96 -5.67
C VAL A 257 6.75 -3.96 -5.66
N LYS A 258 6.66 -4.98 -4.87
CA LYS A 258 7.64 -6.08 -4.83
C LYS A 258 7.02 -7.31 -5.39
N PHE A 259 7.73 -7.97 -6.30
CA PHE A 259 7.21 -9.14 -6.94
C PHE A 259 8.31 -10.18 -7.14
N ASN A 260 7.84 -11.39 -7.44
CA ASN A 260 8.77 -12.53 -7.62
C ASN A 260 8.24 -13.46 -8.69
N PHE A 261 9.22 -14.05 -9.38
CA PHE A 261 8.98 -15.20 -10.27
C PHE A 261 9.66 -16.43 -9.70
N ARG A 262 8.89 -17.54 -9.64
CA ARG A 262 9.52 -18.88 -9.50
C ARG A 262 9.42 -19.47 -10.92
N PHE A 263 10.50 -19.54 -11.62
CA PHE A 263 10.48 -19.84 -13.07
C PHE A 263 11.13 -21.16 -13.38
N SER A 264 10.56 -21.79 -14.41
CA SER A 264 11.04 -23.09 -14.87
C SER A 264 12.11 -22.90 -15.89
N THR A 265 12.57 -24.02 -16.45
CA THR A 265 13.45 -24.03 -17.57
C THR A 265 12.86 -23.44 -18.90
N GLU A 266 11.56 -23.24 -18.93
CA GLU A 266 10.87 -22.74 -20.08
C GLU A 266 10.95 -21.22 -20.27
N SER A 267 11.43 -20.54 -19.27
CA SER A 267 11.62 -19.11 -19.36
C SER A 267 13.07 -18.80 -18.90
N THR A 268 13.63 -17.66 -19.29
CA THR A 268 14.88 -17.27 -18.77
C THR A 268 14.80 -15.96 -17.97
N GLU A 269 15.77 -15.72 -17.08
CA GLU A 269 15.86 -14.52 -16.33
C GLU A 269 15.79 -13.28 -17.25
N ALA A 270 16.56 -13.32 -18.37
CA ALA A 270 16.56 -12.22 -19.26
C ALA A 270 15.25 -11.97 -19.92
N GLY A 271 14.61 -13.06 -20.35
CA GLY A 271 13.40 -12.92 -21.08
C GLY A 271 12.26 -12.40 -20.18
N LEU A 272 12.19 -12.87 -18.93
CA LEU A 272 11.17 -12.41 -17.99
C LEU A 272 11.33 -10.92 -17.74
N LYS A 273 12.58 -10.49 -17.50
CA LYS A 273 12.83 -9.06 -17.24
C LYS A 273 12.37 -8.22 -18.49
N GLN A 274 12.76 -8.72 -19.70
CA GLN A 274 12.42 -7.94 -20.87
C GLN A 274 10.94 -7.82 -20.99
N ARG A 275 10.20 -8.88 -20.70
CA ARG A 275 8.75 -8.82 -20.83
CA ARG A 275 8.77 -8.83 -20.83
C ARG A 275 8.10 -7.90 -19.80
N VAL A 276 8.61 -7.89 -18.57
CA VAL A 276 8.06 -6.97 -17.58
C VAL A 276 8.27 -5.53 -17.96
N HIS A 277 9.49 -5.18 -18.41
CA HIS A 277 9.72 -3.80 -18.88
C HIS A 277 8.84 -3.51 -20.04
N ALA A 278 8.60 -4.44 -20.99
CA ALA A 278 7.79 -4.14 -22.09
C ALA A 278 6.35 -3.89 -21.69
N ILE A 279 5.84 -4.63 -20.74
CA ILE A 279 4.45 -4.36 -20.26
C ILE A 279 4.35 -2.97 -19.57
N LEU A 280 5.30 -2.63 -18.71
CA LEU A 280 5.28 -1.34 -18.07
C LEU A 280 5.36 -0.21 -19.12
N ASP A 281 6.28 -0.38 -20.08
CA ASP A 281 6.51 0.69 -21.01
C ASP A 281 5.33 0.89 -21.98
N LYS A 282 4.67 -0.21 -22.34
CA LYS A 282 3.51 -0.10 -23.21
CA LYS A 282 3.52 -0.10 -23.20
C LYS A 282 2.32 0.65 -22.67
N HIS A 283 2.24 0.67 -21.36
CA HIS A 283 1.23 1.46 -20.63
C HIS A 283 1.71 2.78 -20.15
N GLY A 284 2.89 3.22 -20.57
CA GLY A 284 3.34 4.49 -20.24
C GLY A 284 3.70 4.70 -18.80
N VAL A 285 4.00 3.60 -18.10
CA VAL A 285 4.33 3.74 -16.69
C VAL A 285 5.72 4.34 -16.58
N GLN A 286 5.95 5.25 -15.62
CA GLN A 286 7.24 5.81 -15.39
C GLN A 286 7.75 5.25 -14.08
N TYR A 287 8.93 4.73 -14.07
CA TYR A 287 9.32 3.89 -12.92
C TYR A 287 10.86 3.77 -12.74
N ASP A 288 11.19 3.34 -11.55
CA ASP A 288 12.50 2.74 -11.15
C ASP A 288 12.28 1.26 -10.89
N LEU A 289 13.28 0.43 -11.11
CA LEU A 289 13.15 -1.02 -10.93
C LEU A 289 14.49 -1.62 -10.54
N GLN A 290 14.54 -2.30 -9.43
CA GLN A 290 15.70 -3.08 -9.02
C GLN A 290 15.44 -4.59 -9.22
N TRP A 291 16.35 -5.26 -9.87
CA TRP A 291 16.26 -6.69 -10.12
C TRP A 291 17.35 -7.45 -9.38
N SER A 292 17.02 -8.58 -8.81
CA SER A 292 17.95 -9.49 -8.21
CA SER A 292 18.00 -9.50 -8.29
C SER A 292 17.43 -10.92 -8.53
N CYS A 293 18.37 -11.87 -8.59
CA CYS A 293 18.05 -13.29 -8.86
CA CYS A 293 17.99 -13.27 -8.80
C CYS A 293 18.73 -14.15 -7.87
N SER A 294 18.03 -14.98 -7.15
CA SER A 294 18.65 -15.74 -6.13
C SER A 294 19.07 -17.10 -6.59
N GLY A 295 18.57 -17.63 -7.70
CA GLY A 295 18.95 -18.89 -8.21
C GLY A 295 18.30 -19.24 -9.55
N GLN A 296 18.88 -20.24 -10.18
CA GLN A 296 18.52 -20.69 -11.49
C GLN A 296 17.81 -22.09 -11.45
N PRO A 297 16.89 -22.32 -12.35
CA PRO A 297 16.24 -23.65 -12.38
C PRO A 297 17.24 -24.72 -12.80
N PHE A 298 16.94 -25.95 -12.42
CA PHE A 298 17.73 -27.12 -12.87
C PHE A 298 16.80 -28.27 -13.00
N LEU A 299 17.26 -29.29 -13.77
CA LEU A 299 16.39 -30.41 -14.10
C LEU A 299 17.29 -31.63 -14.51
N THR A 300 16.84 -32.79 -14.00
CA THR A 300 17.26 -34.12 -14.45
C THR A 300 16.06 -34.78 -15.08
N GLN A 301 16.17 -35.21 -16.32
CA GLN A 301 15.10 -35.94 -16.94
C GLN A 301 14.90 -37.31 -16.26
N ALA A 302 13.66 -37.82 -16.35
CA ALA A 302 13.41 -39.16 -15.86
C ALA A 302 14.37 -40.11 -16.58
N GLY A 303 14.98 -41.02 -15.86
CA GLY A 303 15.99 -41.85 -16.38
C GLY A 303 16.49 -42.84 -15.33
N LYS A 304 17.76 -43.25 -15.45
CA LYS A 304 18.27 -44.22 -14.53
C LYS A 304 18.12 -43.89 -13.08
N LEU A 305 18.55 -42.63 -12.70
CA LEU A 305 18.49 -42.31 -11.30
C LEU A 305 17.09 -42.30 -10.72
N THR A 306 16.18 -41.62 -11.45
CA THR A 306 14.80 -41.58 -10.97
C THR A 306 14.20 -43.02 -10.93
N ASP A 307 14.52 -43.85 -11.90
CA ASP A 307 14.00 -45.23 -11.92
C ASP A 307 14.57 -46.02 -10.70
N VAL A 308 15.87 -45.87 -10.44
CA VAL A 308 16.48 -46.57 -9.30
C VAL A 308 15.86 -46.11 -8.00
N ALA A 309 15.66 -44.81 -7.85
CA ALA A 309 15.07 -44.29 -6.63
C ALA A 309 13.66 -44.85 -6.48
N ARG A 310 12.86 -44.80 -7.59
CA ARG A 310 11.51 -45.37 -7.51
C ARG A 310 11.54 -46.84 -7.10
N ALA A 311 12.46 -47.59 -7.69
CA ALA A 311 12.51 -49.03 -7.37
C ALA A 311 12.88 -49.29 -5.87
N ALA A 312 13.84 -48.54 -5.36
CA ALA A 312 14.23 -48.67 -3.99
C ALA A 312 13.09 -48.30 -3.05
N ILE A 313 12.36 -47.23 -3.39
CA ILE A 313 11.20 -46.83 -2.61
C ILE A 313 10.09 -47.87 -2.68
N ALA A 314 9.86 -48.41 -3.86
CA ALA A 314 8.81 -49.46 -3.98
C ALA A 314 9.19 -50.70 -3.08
N GLU A 315 10.48 -51.06 -3.09
CA GLU A 315 10.90 -52.22 -2.30
C GLU A 315 10.74 -51.96 -0.79
N THR A 316 11.21 -50.79 -0.34
CA THR A 316 11.25 -50.51 1.11
C THR A 316 9.95 -50.04 1.68
N CYS A 317 9.29 -49.10 0.91
CA CYS A 317 8.15 -48.37 1.38
C CYS A 317 6.82 -48.89 0.77
N GLY A 318 6.90 -49.62 -0.35
CA GLY A 318 5.64 -50.16 -1.00
C GLY A 318 4.80 -49.12 -1.62
N ILE A 319 5.36 -47.99 -2.05
CA ILE A 319 4.60 -46.88 -2.67
C ILE A 319 5.33 -46.41 -3.91
N GLU A 320 4.56 -45.76 -4.77
CA GLU A 320 5.05 -45.09 -5.95
CA GLU A 320 5.04 -45.13 -5.97
C GLU A 320 5.50 -43.67 -5.68
N ALA A 321 6.77 -43.40 -5.94
CA ALA A 321 7.31 -42.08 -5.73
C ALA A 321 7.03 -41.19 -6.93
N GLU A 322 6.40 -40.05 -6.68
CA GLU A 322 6.08 -39.03 -7.72
C GLU A 322 7.34 -38.18 -7.93
N LEU A 323 7.67 -37.87 -9.15
CA LEU A 323 8.69 -36.89 -9.49
C LEU A 323 8.08 -35.51 -9.38
N SER A 324 8.85 -34.55 -8.90
CA SER A 324 8.36 -33.18 -8.73
C SER A 324 9.51 -32.16 -8.85
N THR A 325 9.09 -30.94 -9.26
CA THR A 325 10.00 -29.78 -9.26
C THR A 325 9.46 -28.66 -8.40
N THR A 326 8.37 -28.84 -7.63
CA THR A 326 7.68 -27.76 -6.95
C THR A 326 8.43 -27.30 -5.74
N GLY A 327 7.90 -26.24 -5.12
CA GLY A 327 8.42 -25.73 -3.85
C GLY A 327 9.56 -24.71 -4.06
N GLY A 328 10.51 -24.80 -3.14
CA GLY A 328 11.64 -23.91 -3.12
C GLY A 328 12.80 -24.47 -3.96
N THR A 329 14.00 -24.38 -3.40
CA THR A 329 15.20 -24.89 -4.06
C THR A 329 16.11 -25.63 -3.14
N SER A 330 17.28 -25.95 -3.61
CA SER A 330 18.28 -26.67 -2.80
C SER A 330 19.64 -26.41 -3.48
N ASP A 331 20.69 -26.98 -2.84
CA ASP A 331 22.04 -26.91 -3.39
C ASP A 331 22.19 -27.73 -4.65
N GLY A 332 21.17 -28.52 -5.03
CA GLY A 332 21.16 -29.12 -6.37
C GLY A 332 21.29 -28.07 -7.45
N ARG A 333 20.93 -26.85 -7.21
CA ARG A 333 21.07 -25.80 -8.21
C ARG A 333 22.53 -25.52 -8.56
N PHE A 334 23.45 -25.88 -7.67
CA PHE A 334 24.87 -25.84 -7.95
C PHE A 334 25.43 -27.12 -8.45
N ILE A 335 25.06 -28.20 -7.80
CA ILE A 335 25.65 -29.49 -8.04
C ILE A 335 25.23 -30.09 -9.41
N LYS A 336 24.05 -29.68 -9.91
CA LYS A 336 23.69 -30.25 -11.20
C LYS A 336 24.69 -29.95 -12.29
N ALA A 337 25.44 -28.83 -12.17
CA ALA A 337 26.46 -28.53 -13.16
C ALA A 337 27.54 -29.54 -13.26
N ILE A 338 27.78 -30.35 -12.25
CA ILE A 338 28.84 -31.37 -12.22
C ILE A 338 28.27 -32.80 -12.12
N ALA A 339 26.96 -32.96 -12.05
CA ALA A 339 26.28 -34.27 -11.83
C ALA A 339 25.48 -34.64 -13.06
N GLN A 340 25.71 -35.81 -13.63
CA GLN A 340 24.92 -36.16 -14.80
C GLN A 340 23.42 -36.26 -14.46
N GLU A 341 23.12 -36.82 -13.29
CA GLU A 341 21.77 -37.00 -12.80
C GLU A 341 21.76 -36.64 -11.33
N LEU A 342 20.71 -35.90 -10.91
CA LEU A 342 20.60 -35.48 -9.56
C LEU A 342 19.17 -35.53 -9.13
N ILE A 343 18.88 -36.05 -7.93
CA ILE A 343 17.59 -36.01 -7.31
C ILE A 343 17.74 -35.47 -5.92
N GLU A 344 16.58 -35.08 -5.34
CA GLU A 344 16.49 -34.84 -3.94
C GLU A 344 15.55 -35.85 -3.32
N LEU A 345 15.92 -36.40 -2.17
CA LEU A 345 15.10 -37.46 -1.50
CA LEU A 345 15.10 -37.44 -1.53
C LEU A 345 15.37 -37.39 -0.02
N GLY A 346 14.27 -37.22 0.74
CA GLY A 346 14.34 -37.11 2.16
C GLY A 346 12.96 -37.31 2.81
N PRO A 347 12.88 -37.09 4.11
CA PRO A 347 11.61 -37.29 4.82
C PRO A 347 10.65 -36.15 4.59
N SER A 348 9.50 -36.16 5.31
CA SER A 348 8.50 -35.13 5.16
C SER A 348 9.10 -33.75 5.40
N ASN A 349 8.69 -32.83 4.51
CA ASN A 349 9.08 -31.45 4.72
C ASN A 349 7.99 -30.59 5.46
N ALA A 350 7.03 -31.24 6.07
CA ALA A 350 5.93 -30.48 6.63
C ALA A 350 6.33 -29.49 7.71
N THR A 351 7.35 -29.90 8.50
CA THR A 351 7.75 -29.12 9.65
C THR A 351 9.06 -28.35 9.48
N ILE A 352 9.59 -28.30 8.29
CA ILE A 352 10.85 -27.58 8.14
C ILE A 352 10.70 -26.14 8.51
N HIS A 353 11.78 -25.67 9.12
CA HIS A 353 11.93 -24.24 9.51
C HIS A 353 10.87 -23.81 10.51
N GLN A 354 10.22 -24.74 11.17
CA GLN A 354 9.13 -24.41 12.10
CA GLN A 354 9.14 -24.41 12.10
C GLN A 354 9.48 -24.89 13.51
N ILE A 355 8.71 -24.36 14.51
CA ILE A 355 8.87 -24.93 15.86
C ILE A 355 8.44 -26.39 15.90
N ASN A 356 9.00 -27.17 16.80
CA ASN A 356 8.63 -28.59 16.95
C ASN A 356 8.80 -29.37 15.68
N GLU A 357 9.88 -29.05 14.95
CA GLU A 357 10.28 -29.82 13.80
C GLU A 357 10.54 -31.24 14.20
N ASN A 358 10.15 -32.16 13.31
CA ASN A 358 10.25 -33.58 13.63
C ASN A 358 10.27 -34.49 12.40
N VAL A 359 10.67 -35.73 12.68
CA VAL A 359 10.49 -36.81 11.70
C VAL A 359 9.84 -37.99 12.40
N ARG A 360 8.98 -38.71 11.67
CA ARG A 360 8.42 -39.93 12.16
C ARG A 360 9.55 -40.96 12.43
N LEU A 361 9.55 -41.54 13.63
CA LEU A 361 10.58 -42.50 13.97
C LEU A 361 10.74 -43.67 12.98
N ASN A 362 9.58 -44.20 12.60
CA ASN A 362 9.62 -45.37 11.70
C ASN A 362 10.17 -45.02 10.34
N ASP A 363 10.14 -43.77 9.95
CA ASP A 363 10.70 -43.36 8.64
C ASP A 363 12.25 -43.34 8.65
N ILE A 364 12.89 -43.34 9.82
CA ILE A 364 14.28 -43.21 9.91
C ILE A 364 15.02 -44.46 9.28
N PRO A 365 14.77 -45.65 9.82
CA PRO A 365 15.44 -46.80 9.24
C PRO A 365 14.96 -47.06 7.80
N LYS A 366 13.71 -46.67 7.46
CA LYS A 366 13.27 -46.80 6.10
C LYS A 366 14.04 -45.93 5.13
N LEU A 367 14.30 -44.68 5.52
CA LEU A 367 15.06 -43.78 4.64
C LEU A 367 16.46 -44.35 4.40
N SER A 368 17.13 -44.81 5.51
CA SER A 368 18.43 -45.43 5.33
C SER A 368 18.38 -46.61 4.41
N ALA A 369 17.34 -47.43 4.54
CA ALA A 369 17.21 -48.55 3.64
C ALA A 369 17.05 -48.14 2.18
N VAL A 370 16.27 -47.09 1.94
CA VAL A 370 16.13 -46.55 0.61
C VAL A 370 17.45 -46.13 0.02
N TYR A 371 18.23 -45.34 0.79
CA TYR A 371 19.55 -44.95 0.30
C TYR A 371 20.44 -46.13 0.00
N GLU A 372 20.41 -47.14 0.91
CA GLU A 372 21.22 -48.31 0.66
C GLU A 372 20.77 -49.08 -0.63
N GLY A 373 19.47 -49.07 -0.87
CA GLY A 373 19.00 -49.67 -2.10
C GLY A 373 19.37 -48.98 -3.35
N ILE A 374 19.51 -47.63 -3.26
CA ILE A 374 20.02 -46.87 -4.37
C ILE A 374 21.51 -47.21 -4.62
N LEU A 375 22.30 -47.22 -3.50
CA LEU A 375 23.68 -47.65 -3.66
C LEU A 375 23.83 -49.05 -4.30
N ALA A 376 22.97 -49.95 -3.87
CA ALA A 376 23.11 -51.34 -4.40
C ALA A 376 22.78 -51.41 -5.83
N ARG A 377 21.81 -50.62 -6.27
CA ARG A 377 21.40 -50.65 -7.70
C ARG A 377 22.40 -49.93 -8.61
N LEU A 378 23.04 -48.90 -8.14
CA LEU A 378 23.97 -48.11 -8.93
C LEU A 378 25.37 -48.68 -8.89
N LEU A 379 25.77 -49.37 -7.87
CA LEU A 379 27.16 -49.83 -7.65
C LEU A 379 27.33 -51.36 -7.45
N ALA A 380 26.37 -52.14 -7.24
CA ALA A 380 26.68 -53.61 -6.73
C ALA A 380 26.76 -54.41 -8.07
N THR B 5 -13.15 58.00 -2.66
CA THR B 5 -13.48 56.58 -2.52
CA THR B 5 -13.30 56.53 -2.55
C THR B 5 -13.39 56.19 -1.06
N GLU B 6 -14.34 55.38 -0.67
CA GLU B 6 -14.56 55.08 0.71
C GLU B 6 -13.41 54.35 1.33
N THR B 7 -13.07 54.66 2.55
CA THR B 7 -11.98 54.09 3.29
C THR B 7 -12.46 53.27 4.46
N GLN B 8 -13.80 53.18 4.64
CA GLN B 8 -14.39 52.46 5.76
C GLN B 8 -14.18 50.94 5.74
N SER B 9 -14.26 50.35 4.52
CA SER B 9 -14.06 48.94 4.43
C SER B 9 -12.67 48.52 4.95
N LEU B 10 -11.63 49.27 4.45
CA LEU B 10 -10.27 48.95 4.85
C LEU B 10 -10.10 49.14 6.36
N GLU B 11 -10.65 50.23 6.92
CA GLU B 11 -10.45 50.43 8.34
C GLU B 11 -11.12 49.38 9.24
N LEU B 12 -12.31 48.95 8.78
CA LEU B 12 -13.01 47.88 9.49
C LEU B 12 -12.28 46.54 9.34
N ALA B 13 -11.75 46.27 8.11
CA ALA B 13 -10.96 45.05 7.90
C ALA B 13 -9.85 45.01 8.91
N LYS B 14 -9.06 46.14 9.00
CA LYS B 14 -7.96 46.18 9.92
C LYS B 14 -8.41 45.96 11.33
N GLU B 15 -9.51 46.59 11.74
CA GLU B 15 -10.05 46.36 13.09
CA GLU B 15 -10.02 46.35 13.07
C GLU B 15 -10.29 44.87 13.42
N LEU B 16 -10.92 44.18 12.47
CA LEU B 16 -11.18 42.78 12.62
C LEU B 16 -9.92 41.94 12.65
N ILE B 17 -9.00 42.23 11.65
CA ILE B 17 -7.79 41.44 11.63
C ILE B 17 -6.98 41.48 12.88
N SER B 18 -7.01 42.67 13.53
CA SER B 18 -6.24 42.88 14.71
C SER B 18 -6.70 42.04 15.92
N ARG B 19 -7.91 41.44 15.85
CA ARG B 19 -8.48 40.57 16.86
C ARG B 19 -7.99 39.15 16.56
N PRO B 20 -7.25 38.53 17.49
CA PRO B 20 -6.59 37.14 17.21
C PRO B 20 -7.59 36.03 17.44
N SER B 21 -8.62 35.98 16.53
CA SER B 21 -9.76 35.02 16.68
C SER B 21 -9.43 33.68 16.07
N VAL B 22 -8.37 33.04 16.60
CA VAL B 22 -8.06 31.68 16.27
C VAL B 22 -9.22 30.78 16.76
N THR B 23 -9.69 29.90 15.88
CA THR B 23 -10.85 29.04 16.21
C THR B 23 -10.78 28.39 17.53
N PRO B 24 -11.85 28.40 18.34
CA PRO B 24 -13.16 28.99 18.12
C PRO B 24 -13.37 30.31 18.79
N ASP B 25 -12.30 31.01 19.10
CA ASP B 25 -12.39 32.25 19.94
CA ASP B 25 -12.38 32.25 19.90
C ASP B 25 -12.77 33.43 19.02
N ASP B 26 -13.90 34.06 19.24
CA ASP B 26 -14.33 35.16 18.48
C ASP B 26 -13.57 36.53 18.78
N ARG B 27 -13.02 36.67 19.99
CA ARG B 27 -12.34 37.91 20.43
C ARG B 27 -13.25 39.12 20.13
N ASP B 28 -14.51 39.02 20.46
CA ASP B 28 -15.45 40.18 20.34
C ASP B 28 -15.74 40.68 18.97
N CYS B 29 -15.36 39.91 17.94
CA CYS B 29 -15.71 40.34 16.58
C CYS B 29 -17.18 40.42 16.35
N GLN B 30 -17.96 39.49 16.83
CA GLN B 30 -19.37 39.48 16.58
C GLN B 30 -20.12 40.56 17.38
N LYS B 31 -19.55 40.92 18.55
CA LYS B 31 -20.02 42.07 19.38
C LYS B 31 -19.83 43.32 18.59
N LEU B 32 -18.67 43.51 17.93
CA LEU B 32 -18.33 44.68 17.17
C LEU B 32 -19.33 44.77 16.02
N LEU B 33 -19.56 43.68 15.28
CA LEU B 33 -20.43 43.68 14.13
C LEU B 33 -21.84 44.02 14.57
N ALA B 34 -22.33 43.36 15.64
CA ALA B 34 -23.71 43.57 16.06
C ALA B 34 -23.94 45.01 16.45
N GLU B 35 -23.00 45.63 17.18
CA GLU B 35 -23.15 46.96 17.67
C GLU B 35 -23.13 47.94 16.54
N ARG B 36 -22.25 47.73 15.54
CA ARG B 36 -22.20 48.62 14.48
C ARG B 36 -23.46 48.60 13.62
N LEU B 37 -23.95 47.40 13.25
CA LEU B 37 -25.10 47.30 12.42
C LEU B 37 -26.44 47.60 13.17
N HIS B 38 -26.44 47.60 14.47
CA HIS B 38 -27.63 47.99 15.21
C HIS B 38 -28.01 49.45 14.88
N LYS B 39 -26.99 50.26 14.54
CA LYS B 39 -27.20 51.68 14.20
C LYS B 39 -28.07 51.91 13.03
N ILE B 40 -28.15 50.87 12.14
CA ILE B 40 -28.93 50.95 10.95
C ILE B 40 -30.00 49.89 10.84
N GLY B 41 -30.51 49.46 11.99
CA GLY B 41 -31.70 48.68 12.02
C GLY B 41 -31.55 47.19 11.99
N PHE B 42 -30.34 46.68 12.23
CA PHE B 42 -30.19 45.24 12.36
C PHE B 42 -30.36 44.79 13.80
N ALA B 43 -31.32 43.89 14.02
CA ALA B 43 -31.48 43.26 15.28
C ALA B 43 -30.49 42.11 15.41
N ALA B 44 -30.03 41.83 16.60
CA ALA B 44 -29.05 40.78 16.88
C ALA B 44 -29.62 39.67 17.67
N GLU B 45 -29.31 38.45 17.28
CA GLU B 45 -29.52 37.27 18.06
C GLU B 45 -28.25 36.52 18.18
N GLU B 46 -27.80 36.24 19.39
CA GLU B 46 -26.64 35.42 19.61
C GLU B 46 -27.08 33.97 19.78
N LEU B 47 -26.35 33.06 19.12
CA LEU B 47 -26.58 31.63 19.25
C LEU B 47 -25.29 30.91 19.68
N HIS B 48 -25.11 30.80 20.96
CA HIS B 48 -23.95 30.18 21.55
C HIS B 48 -24.19 28.66 21.53
N PHE B 49 -23.29 27.91 20.89
CA PHE B 49 -23.42 26.44 20.92
C PHE B 49 -22.11 25.90 21.44
N GLY B 50 -22.12 25.38 22.65
CA GLY B 50 -20.86 25.01 23.26
C GLY B 50 -19.80 26.11 23.26
N ASP B 51 -18.60 25.79 22.75
CA ASP B 51 -17.52 26.68 22.68
C ASP B 51 -17.56 27.71 21.53
N THR B 52 -18.59 27.65 20.72
CA THR B 52 -18.67 28.46 19.54
C THR B 52 -19.73 29.57 19.65
N LYS B 53 -19.38 30.76 19.23
CA LYS B 53 -20.28 31.88 19.18
C LYS B 53 -20.80 32.04 17.78
N ASN B 54 -22.05 32.31 17.62
CA ASN B 54 -22.66 32.62 16.34
C ASN B 54 -23.63 33.75 16.46
N ILE B 55 -23.85 34.49 15.40
CA ILE B 55 -24.84 35.59 15.38
CA ILE B 55 -24.83 35.61 15.36
C ILE B 55 -25.68 35.57 14.14
N TRP B 56 -26.96 35.91 14.30
CA TRP B 56 -27.92 36.14 13.23
C TRP B 56 -28.34 37.60 13.37
N LEU B 57 -27.88 38.46 12.45
CA LEU B 57 -28.25 39.86 12.45
C LEU B 57 -29.19 40.12 11.36
N ARG B 58 -30.26 40.86 11.59
CA ARG B 58 -31.21 41.01 10.53
C ARG B 58 -31.94 42.35 10.59
N ARG B 59 -32.08 42.97 9.43
CA ARG B 59 -32.87 44.17 9.13
C ARG B 59 -34.02 43.79 8.20
N GLY B 60 -35.26 44.11 8.58
CA GLY B 60 -36.39 43.72 7.75
C GLY B 60 -37.07 42.50 8.27
N THR B 61 -38.36 42.35 7.87
CA THR B 61 -39.18 41.20 8.20
C THR B 61 -39.72 40.44 7.03
N LYS B 62 -39.60 40.96 5.81
CA LYS B 62 -40.20 40.35 4.62
C LYS B 62 -39.19 39.85 3.64
N ALA B 63 -39.66 38.96 2.78
CA ALA B 63 -38.92 38.58 1.56
C ALA B 63 -38.86 39.72 0.56
N PRO B 64 -37.85 39.76 -0.32
CA PRO B 64 -36.72 38.85 -0.37
C PRO B 64 -35.74 39.05 0.73
N VAL B 65 -35.20 37.94 1.25
CA VAL B 65 -34.14 38.00 2.30
C VAL B 65 -32.78 37.71 1.69
N VAL B 66 -31.92 38.69 1.83
CA VAL B 66 -30.55 38.55 1.36
C VAL B 66 -29.62 38.38 2.51
N CYS B 67 -28.86 37.30 2.57
CA CYS B 67 -28.00 36.99 3.70
C CYS B 67 -26.56 36.93 3.28
N PHE B 68 -25.66 37.59 3.96
CA PHE B 68 -24.25 37.38 3.93
C PHE B 68 -23.87 36.36 5.02
N ALA B 69 -23.11 35.32 4.67
CA ALA B 69 -22.62 34.34 5.64
C ALA B 69 -21.15 34.28 5.67
N GLY B 70 -20.61 34.06 6.87
CA GLY B 70 -19.18 33.92 7.01
C GLY B 70 -18.76 33.54 8.36
N HIS B 71 -17.44 33.71 8.60
CA HIS B 71 -16.85 33.25 9.82
C HIS B 71 -15.82 34.27 10.28
N THR B 72 -15.79 34.50 11.59
CA THR B 72 -14.83 35.39 12.17
C THR B 72 -13.61 34.66 12.67
N ASP B 73 -13.58 33.32 12.73
CA ASP B 73 -12.38 32.62 13.12
C ASP B 73 -11.38 32.64 12.00
N VAL B 74 -10.11 32.49 12.40
CA VAL B 74 -8.99 32.35 11.48
C VAL B 74 -8.20 31.13 11.88
N VAL B 75 -7.44 30.60 10.91
CA VAL B 75 -6.53 29.49 11.25
C VAL B 75 -5.33 29.95 12.03
N PRO B 76 -4.60 29.03 12.70
CA PRO B 76 -3.39 29.43 13.40
C PRO B 76 -2.36 30.07 12.55
N THR B 77 -1.52 30.87 13.18
CA THR B 77 -0.45 31.55 12.40
C THR B 77 0.85 30.82 12.18
N GLY B 78 1.02 29.76 12.95
CA GLY B 78 2.35 29.16 13.07
C GLY B 78 3.40 30.10 13.72
N PRO B 79 4.64 29.72 13.88
CA PRO B 79 5.69 30.52 14.38
C PRO B 79 5.66 31.86 13.63
N VAL B 80 5.56 32.87 14.49
CA VAL B 80 5.34 34.21 14.27
C VAL B 80 6.56 34.91 13.62
N GLU B 81 7.72 34.44 14.04
CA GLU B 81 9.00 34.90 13.37
C GLU B 81 9.04 34.64 11.90
N LYS B 82 8.20 33.70 11.39
CA LYS B 82 8.26 33.34 9.94
C LYS B 82 7.49 34.37 9.10
N TRP B 83 6.71 35.24 9.80
CA TRP B 83 5.98 36.33 9.10
C TRP B 83 6.82 37.57 8.88
N ASP B 84 6.54 38.30 7.76
CA ASP B 84 7.38 39.51 7.41
C ASP B 84 6.84 40.63 8.25
N SER B 85 5.55 40.66 8.69
CA SER B 85 5.01 41.59 9.69
C SER B 85 4.07 40.76 10.57
N PRO B 86 3.76 41.17 11.82
CA PRO B 86 3.04 40.30 12.78
C PRO B 86 1.64 40.02 12.26
N PRO B 87 1.18 38.78 12.35
CA PRO B 87 -0.07 38.38 11.70
C PRO B 87 -1.30 39.07 12.22
N PHE B 88 -1.28 39.60 13.46
CA PHE B 88 -2.45 40.37 13.98
C PHE B 88 -2.17 41.86 14.18
N GLU B 89 -1.25 42.34 13.38
CA GLU B 89 -0.94 43.79 13.29
C GLU B 89 -1.01 44.09 11.81
N PRO B 90 -2.24 44.30 11.31
CA PRO B 90 -2.37 44.47 9.90
C PRO B 90 -1.51 45.58 9.38
N ALA B 91 -0.93 45.32 8.21
CA ALA B 91 0.01 46.20 7.57
C ALA B 91 -0.28 46.44 6.15
N GLU B 92 -0.08 47.70 5.72
CA GLU B 92 -0.19 48.07 4.30
C GLU B 92 1.24 48.07 3.75
N ARG B 93 1.51 47.26 2.75
CA ARG B 93 2.82 47.24 2.13
C ARG B 93 2.77 46.81 0.70
N ASP B 94 3.45 47.51 -0.20
CA ASP B 94 3.46 47.03 -1.62
C ASP B 94 2.09 46.78 -2.26
N GLY B 95 1.15 47.63 -1.88
CA GLY B 95 -0.15 47.60 -2.53
C GLY B 95 -1.10 46.53 -1.95
N ARG B 96 -0.71 45.89 -0.84
CA ARG B 96 -1.45 44.77 -0.26
C ARG B 96 -1.66 45.03 1.24
N LEU B 97 -2.72 44.48 1.85
CA LEU B 97 -3.02 44.44 3.26
C LEU B 97 -2.63 43.04 3.77
N TYR B 98 -1.70 42.98 4.72
CA TYR B 98 -1.20 41.74 5.24
C TYR B 98 -1.73 41.47 6.60
N GLY B 99 -2.11 40.23 6.83
CA GLY B 99 -2.46 39.83 8.11
C GLY B 99 -3.30 38.51 8.10
N ARG B 100 -3.27 37.75 9.20
CA ARG B 100 -4.07 36.58 9.25
C ARG B 100 -5.58 36.97 9.19
N GLY B 101 -6.33 36.35 8.28
CA GLY B 101 -7.74 36.75 8.04
C GLY B 101 -7.94 37.85 7.04
N ALA B 102 -6.86 38.40 6.51
CA ALA B 102 -7.03 39.42 5.45
C ALA B 102 -7.71 38.89 4.26
N ALA B 103 -7.42 37.69 3.85
CA ALA B 103 -8.15 37.05 2.73
C ALA B 103 -9.30 36.16 3.19
N ASP B 104 -9.11 35.42 4.27
CA ASP B 104 -10.02 34.39 4.73
C ASP B 104 -10.38 34.63 6.18
N MET B 105 -11.43 35.40 6.49
CA MET B 105 -12.26 36.13 5.52
CA MET B 105 -12.25 36.13 5.52
C MET B 105 -12.77 37.44 6.09
N LYS B 106 -11.90 38.11 6.87
CA LYS B 106 -12.30 39.31 7.52
C LYS B 106 -12.54 40.51 6.61
N THR B 107 -11.76 40.60 5.51
CA THR B 107 -12.03 41.63 4.55
C THR B 107 -13.44 41.52 3.99
N SER B 108 -13.90 40.29 3.67
CA SER B 108 -15.24 40.14 3.14
C SER B 108 -16.29 40.66 4.09
N ILE B 109 -16.13 40.30 5.35
CA ILE B 109 -17.10 40.72 6.38
C ILE B 109 -17.14 42.26 6.49
N ALA B 110 -15.91 42.89 6.50
CA ALA B 110 -15.88 44.31 6.53
C ALA B 110 -16.57 44.96 5.36
N CYS B 111 -16.27 44.41 4.16
CA CYS B 111 -16.82 44.95 2.94
C CYS B 111 -18.33 44.82 2.90
N PHE B 112 -18.89 43.73 3.44
CA PHE B 112 -20.35 43.61 3.45
C PHE B 112 -20.98 44.55 4.47
N VAL B 113 -20.38 44.77 5.63
CA VAL B 113 -20.94 45.69 6.62
C VAL B 113 -21.05 47.11 6.00
N THR B 114 -19.96 47.55 5.35
CA THR B 114 -19.97 48.91 4.82
C THR B 114 -20.86 49.01 3.60
N ALA B 115 -21.01 47.92 2.81
CA ALA B 115 -22.00 47.94 1.75
C ALA B 115 -23.41 48.08 2.29
N CYS B 116 -23.69 47.45 3.41
CA CYS B 116 -25.02 47.63 4.05
C CYS B 116 -25.25 49.11 4.45
N GLU B 117 -24.22 49.72 5.04
CA GLU B 117 -24.36 51.09 5.49
C GLU B 117 -24.63 51.99 4.30
N ARG B 118 -23.85 51.83 3.18
CA ARG B 118 -24.07 52.70 2.05
C ARG B 118 -25.36 52.45 1.35
N PHE B 119 -25.73 51.19 1.23
CA PHE B 119 -26.97 50.84 0.55
C PHE B 119 -28.21 51.38 1.31
N VAL B 120 -28.25 51.14 2.61
CA VAL B 120 -29.36 51.59 3.40
C VAL B 120 -29.48 53.13 3.45
N ALA B 121 -28.32 53.79 3.42
CA ALA B 121 -28.37 55.22 3.37
C ALA B 121 -29.06 55.74 2.11
N LYS B 122 -28.77 55.14 0.95
CA LYS B 122 -29.35 55.56 -0.31
C LYS B 122 -30.73 55.00 -0.57
N HIS B 123 -31.12 53.89 0.11
CA HIS B 123 -32.35 53.25 -0.08
C HIS B 123 -33.04 52.98 1.23
N PRO B 124 -33.48 53.98 1.96
CA PRO B 124 -33.99 53.78 3.27
C PRO B 124 -35.29 53.02 3.35
N ASN B 125 -35.99 52.91 2.22
CA ASN B 125 -37.22 52.08 2.20
C ASN B 125 -37.17 50.97 1.17
N HIS B 126 -35.94 50.37 1.11
CA HIS B 126 -35.75 49.20 0.27
C HIS B 126 -36.71 48.08 0.66
N GLN B 127 -36.96 47.26 -0.33
CA GLN B 127 -37.82 46.05 -0.09
C GLN B 127 -37.04 45.01 0.69
N GLY B 128 -37.74 44.07 1.25
CA GLY B 128 -37.07 42.85 1.80
C GLY B 128 -36.28 43.10 2.98
N SER B 129 -35.34 42.16 3.16
CA SER B 129 -34.56 42.10 4.39
C SER B 129 -33.09 41.79 4.04
N ILE B 130 -32.20 42.22 4.95
CA ILE B 130 -30.78 41.92 4.88
C ILE B 130 -30.41 41.24 6.18
N ALA B 131 -29.58 40.14 6.10
CA ALA B 131 -29.16 39.41 7.24
C ALA B 131 -27.71 39.07 7.17
N LEU B 132 -27.09 38.81 8.28
CA LEU B 132 -25.75 38.23 8.39
C LEU B 132 -25.79 37.03 9.27
N LEU B 133 -25.13 35.97 8.83
CA LEU B 133 -25.04 34.73 9.58
C LEU B 133 -23.53 34.48 9.78
N ILE B 134 -23.05 34.72 11.01
CA ILE B 134 -21.62 34.67 11.28
C ILE B 134 -21.31 33.67 12.35
N THR B 135 -20.32 32.82 12.12
CA THR B 135 -19.83 31.80 13.08
C THR B 135 -18.44 32.09 13.52
N SER B 136 -18.08 31.60 14.74
CA SER B 136 -16.63 31.65 15.19
C SER B 136 -15.95 30.29 15.02
N ASP B 137 -16.64 29.35 14.34
CA ASP B 137 -15.96 28.09 13.99
C ASP B 137 -16.43 27.58 12.64
N GLU B 138 -15.77 28.05 11.58
CA GLU B 138 -15.75 27.45 10.24
C GLU B 138 -14.45 26.67 9.99
N GLU B 139 -13.35 27.01 10.65
CA GLU B 139 -12.04 26.45 10.32
C GLU B 139 -11.68 25.18 11.05
N GLY B 140 -12.38 24.94 12.15
CA GLY B 140 -12.10 23.77 13.00
C GLY B 140 -13.09 22.66 12.77
N ASP B 141 -13.44 21.93 13.83
CA ASP B 141 -14.43 20.87 13.68
C ASP B 141 -15.80 21.34 13.19
N ALA B 142 -16.11 22.59 13.52
CA ALA B 142 -17.33 23.28 13.05
C ALA B 142 -18.60 22.55 13.40
N LEU B 143 -18.55 21.74 14.48
CA LEU B 143 -19.76 21.02 14.84
C LEU B 143 -20.85 21.93 15.49
N ASP B 144 -20.35 23.05 15.98
CA ASP B 144 -21.23 23.99 16.71
C ASP B 144 -21.38 25.35 16.03
N GLY B 145 -21.06 25.39 14.74
CA GLY B 145 -21.10 26.57 13.95
C GLY B 145 -22.32 26.70 13.10
N THR B 146 -22.07 27.05 11.84
CA THR B 146 -23.15 27.34 10.88
C THR B 146 -24.25 26.26 10.81
N THR B 147 -23.80 24.98 10.87
CA THR B 147 -24.82 23.95 10.74
C THR B 147 -25.91 23.99 11.82
N LYS B 148 -25.48 24.33 13.03
CA LYS B 148 -26.49 24.44 14.10
C LYS B 148 -27.35 25.67 13.96
N VAL B 149 -26.77 26.78 13.50
CA VAL B 149 -27.58 27.96 13.25
C VAL B 149 -28.64 27.71 12.14
N VAL B 150 -28.17 27.06 11.06
CA VAL B 150 -29.11 26.71 10.00
C VAL B 150 -30.29 25.89 10.53
N ASP B 151 -29.97 24.90 11.38
CA ASP B 151 -31.03 24.13 11.92
C ASP B 151 -32.06 24.95 12.72
N VAL B 152 -31.59 25.94 13.47
CA VAL B 152 -32.53 26.83 14.20
C VAL B 152 -33.38 27.62 13.25
N LEU B 153 -32.76 28.17 12.17
CA LEU B 153 -33.51 28.96 11.24
C LEU B 153 -34.54 28.07 10.53
N LYS B 154 -34.15 26.85 10.09
CA LYS B 154 -35.09 26.02 9.43
C LYS B 154 -36.27 25.59 10.32
N ALA B 155 -35.99 25.33 11.57
CA ALA B 155 -37.06 24.93 12.52
C ALA B 155 -38.09 25.99 12.71
N ARG B 156 -37.69 27.26 12.66
CA ARG B 156 -38.62 28.41 12.81
C ARG B 156 -39.12 28.97 11.48
N ASP B 157 -38.81 28.29 10.36
CA ASP B 157 -39.24 28.66 9.04
C ASP B 157 -38.74 30.06 8.68
N GLU B 158 -37.49 30.39 9.06
CA GLU B 158 -36.90 31.64 8.70
C GLU B 158 -35.88 31.38 7.55
N LEU B 159 -36.44 31.42 6.34
CA LEU B 159 -35.70 31.05 5.15
C LEU B 159 -35.13 32.24 4.41
N ILE B 160 -34.17 31.93 3.54
CA ILE B 160 -33.36 32.86 2.79
C ILE B 160 -33.61 32.79 1.34
N ASP B 161 -33.80 33.95 0.67
CA ASP B 161 -33.92 33.94 -0.80
C ASP B 161 -32.61 33.93 -1.54
N TYR B 162 -31.66 34.73 -1.08
CA TYR B 162 -30.39 34.89 -1.73
C TYR B 162 -29.27 34.94 -0.68
N CYS B 163 -28.27 34.09 -0.79
CA CYS B 163 -27.15 34.13 0.18
C CYS B 163 -25.85 34.31 -0.53
N ILE B 164 -24.99 35.16 -0.01
CA ILE B 164 -23.65 35.33 -0.43
CA ILE B 164 -23.58 35.34 -0.40
C ILE B 164 -22.75 34.83 0.72
N VAL B 165 -21.96 33.78 0.51
CA VAL B 165 -21.00 33.29 1.45
C VAL B 165 -19.68 34.01 1.10
N GLY B 166 -19.13 34.81 2.01
CA GLY B 166 -17.99 35.66 1.67
C GLY B 166 -16.64 35.01 1.67
N GLU B 167 -16.55 33.71 1.41
CA GLU B 167 -15.22 33.08 1.31
C GLU B 167 -14.51 33.63 0.09
N PRO B 168 -13.19 33.69 0.16
CA PRO B 168 -12.40 34.19 -0.98
C PRO B 168 -12.57 33.27 -2.15
N THR B 169 -12.89 33.76 -3.32
CA THR B 169 -13.16 33.00 -4.53
C THR B 169 -12.29 33.51 -5.70
N ALA B 170 -11.61 34.64 -5.59
CA ALA B 170 -10.86 35.14 -6.70
C ALA B 170 -9.62 34.25 -6.84
N VAL B 171 -9.30 33.99 -8.10
CA VAL B 171 -8.15 33.19 -8.41
C VAL B 171 -6.92 34.07 -8.67
N ASP B 172 -7.14 35.06 -9.51
CA ASP B 172 -6.18 36.21 -9.65
C ASP B 172 -6.90 37.53 -9.42
N LYS B 173 -7.64 38.07 -10.37
CA LYS B 173 -8.26 39.35 -10.21
C LYS B 173 -9.59 39.20 -9.41
N LEU B 174 -9.85 40.15 -8.57
CA LEU B 174 -11.11 40.17 -7.85
C LEU B 174 -12.25 40.07 -8.86
N GLY B 175 -13.19 39.13 -8.63
CA GLY B 175 -14.35 39.01 -9.48
C GLY B 175 -14.22 38.03 -10.61
N ASP B 176 -13.01 37.37 -10.79
CA ASP B 176 -12.90 36.47 -11.85
C ASP B 176 -13.74 35.24 -11.76
N MET B 177 -14.00 34.82 -10.53
CA MET B 177 -14.80 33.63 -10.25
C MET B 177 -15.73 33.89 -9.04
N ILE B 178 -16.90 33.29 -9.20
CA ILE B 178 -17.96 33.18 -8.24
C ILE B 178 -18.16 31.70 -8.03
N LYS B 179 -18.34 31.18 -6.81
CA LYS B 179 -18.77 29.79 -6.72
C LYS B 179 -20.28 29.70 -6.70
N ASN B 180 -20.89 28.83 -7.49
CA ASN B 180 -22.31 28.55 -7.44
C ASN B 180 -22.62 27.24 -6.93
N GLY B 181 -21.65 26.45 -6.45
CA GLY B 181 -21.86 25.18 -5.88
C GLY B 181 -20.55 24.53 -5.50
N ARG B 182 -20.61 23.33 -4.95
CA ARG B 182 -19.41 22.56 -4.53
C ARG B 182 -19.75 21.12 -4.73
N ARG B 183 -18.68 20.32 -4.89
CA ARG B 183 -18.77 18.85 -4.87
C ARG B 183 -19.03 18.39 -3.40
N GLY B 184 -19.56 17.22 -3.34
CA GLY B 184 -19.54 16.44 -2.14
C GLY B 184 -18.28 15.50 -2.10
N SER B 185 -18.10 14.86 -0.94
CA SER B 185 -16.96 14.00 -0.72
C SER B 185 -17.43 12.67 -0.11
N LEU B 186 -17.09 11.58 -0.78
CA LEU B 186 -17.45 10.26 -0.35
C LEU B 186 -16.18 9.41 -0.35
N SER B 187 -15.84 8.82 0.79
CA SER B 187 -14.61 8.03 0.97
C SER B 187 -14.91 6.60 1.29
N GLY B 188 -14.06 5.72 0.75
CA GLY B 188 -14.13 4.29 1.06
C GLY B 188 -12.79 3.81 1.69
N ASN B 189 -12.94 2.86 2.58
CA ASN B 189 -11.86 2.10 3.22
C ASN B 189 -12.10 0.67 2.95
N LEU B 190 -11.41 0.14 1.96
CA LEU B 190 -11.62 -1.18 1.40
C LEU B 190 -10.56 -2.16 1.96
N THR B 191 -10.97 -3.28 2.51
CA THR B 191 -10.04 -4.31 2.93
C THR B 191 -10.29 -5.53 2.04
N VAL B 192 -9.41 -5.85 1.10
CA VAL B 192 -9.56 -6.99 0.28
C VAL B 192 -8.95 -8.19 0.99
N LYS B 193 -9.77 -9.24 1.07
CA LYS B 193 -9.40 -10.47 1.76
CA LYS B 193 -9.43 -10.48 1.78
C LYS B 193 -8.76 -11.44 0.85
N GLY B 194 -7.62 -11.94 1.22
CA GLY B 194 -6.93 -13.06 0.60
C GLY B 194 -6.57 -14.09 1.73
N LYS B 195 -5.50 -14.83 1.49
CA LYS B 195 -5.04 -15.88 2.41
C LYS B 195 -3.55 -15.93 2.34
N GLN B 196 -2.87 -15.55 3.42
CA GLN B 196 -1.40 -15.49 3.45
CA GLN B 196 -1.42 -15.49 3.43
C GLN B 196 -0.80 -16.88 3.19
N GLY B 197 0.36 -16.89 2.54
CA GLY B 197 1.13 -18.15 2.45
C GLY B 197 2.47 -17.83 1.79
N HIS B 198 3.34 -18.85 1.86
CA HIS B 198 4.62 -18.77 1.16
C HIS B 198 4.38 -18.61 -0.36
N ILE B 199 5.20 -17.73 -0.96
CA ILE B 199 5.00 -17.37 -2.34
C ILE B 199 5.21 -18.54 -3.36
N ALA B 200 6.00 -19.54 -2.94
CA ALA B 200 6.29 -20.65 -3.82
C ALA B 200 5.19 -21.69 -3.91
N TYR B 201 4.11 -21.46 -3.15
CA TYR B 201 2.94 -22.35 -3.11
C TYR B 201 1.69 -21.49 -3.38
N PRO B 202 1.56 -20.86 -4.56
CA PRO B 202 0.46 -19.90 -4.71
C PRO B 202 -0.91 -20.49 -4.65
N HIS B 203 -1.05 -21.76 -5.07
CA HIS B 203 -2.32 -22.44 -5.01
C HIS B 203 -2.87 -22.67 -3.62
N LEU B 204 -2.03 -22.55 -2.61
CA LEU B 204 -2.42 -22.65 -1.22
C LEU B 204 -2.71 -21.34 -0.55
N ALA B 205 -2.55 -20.26 -1.29
CA ALA B 205 -2.73 -18.86 -0.82
C ALA B 205 -3.83 -18.21 -1.74
N ILE B 206 -4.21 -17.03 -1.39
CA ILE B 206 -5.07 -16.17 -2.21
CA ILE B 206 -5.05 -16.18 -2.25
C ILE B 206 -4.46 -14.80 -2.19
N ASN B 207 -3.99 -14.31 -3.35
CA ASN B 207 -3.28 -13.06 -3.34
C ASN B 207 -4.23 -11.89 -3.57
N PRO B 208 -4.47 -11.08 -2.49
CA PRO B 208 -5.41 -10.02 -2.64
C PRO B 208 -5.09 -8.91 -3.59
N VAL B 209 -3.77 -8.76 -3.87
CA VAL B 209 -3.38 -7.82 -4.94
C VAL B 209 -3.88 -8.32 -6.30
N HIS B 210 -3.74 -9.64 -6.50
CA HIS B 210 -4.16 -10.21 -7.78
C HIS B 210 -5.70 -10.26 -7.92
N THR B 211 -6.35 -10.54 -6.79
CA THR B 211 -7.82 -10.61 -6.92
C THR B 211 -8.39 -9.19 -7.13
N PHE B 212 -7.76 -8.16 -6.51
CA PHE B 212 -8.27 -6.83 -6.72
C PHE B 212 -7.94 -6.25 -8.05
N ALA B 213 -6.84 -6.63 -8.68
CA ALA B 213 -6.36 -6.03 -9.91
C ALA B 213 -7.42 -5.67 -10.97
N PRO B 214 -8.28 -6.67 -11.35
CA PRO B 214 -9.19 -6.31 -12.39
C PRO B 214 -10.22 -5.26 -11.94
N ALA B 215 -10.60 -5.32 -10.69
CA ALA B 215 -11.50 -4.30 -10.17
C ALA B 215 -10.80 -2.94 -10.05
N LEU B 216 -9.56 -2.92 -9.63
CA LEU B 216 -8.82 -1.67 -9.57
C LEU B 216 -8.84 -0.98 -10.94
N LEU B 217 -8.53 -1.77 -12.00
CA LEU B 217 -8.44 -1.17 -13.30
C LEU B 217 -9.84 -0.60 -13.66
N GLU B 218 -10.87 -1.37 -13.49
CA GLU B 218 -12.17 -0.91 -13.87
C GLU B 218 -12.55 0.32 -13.07
N LEU B 219 -12.27 0.39 -11.76
CA LEU B 219 -12.58 1.54 -10.96
C LEU B 219 -11.82 2.76 -11.50
N THR B 220 -10.52 2.67 -11.80
CA THR B 220 -9.76 3.81 -12.23
C THR B 220 -10.11 4.30 -13.63
N GLN B 221 -10.68 3.42 -14.44
CA GLN B 221 -11.09 3.81 -15.77
C GLN B 221 -12.48 4.28 -15.89
N GLU B 222 -13.33 4.08 -14.87
CA GLU B 222 -14.75 4.33 -14.87
C GLU B 222 -15.01 5.80 -15.10
N VAL B 223 -16.00 6.09 -15.95
CA VAL B 223 -16.55 7.45 -16.08
C VAL B 223 -17.80 7.45 -15.30
N TRP B 224 -17.79 8.21 -14.19
CA TRP B 224 -18.89 8.17 -13.25
C TRP B 224 -20.07 9.05 -13.73
N ASP B 225 -19.76 10.18 -14.33
CA ASP B 225 -20.78 11.07 -14.96
C ASP B 225 -20.08 12.00 -15.96
N GLU B 226 -20.87 12.78 -16.67
CA GLU B 226 -20.34 13.60 -17.75
C GLU B 226 -20.03 15.02 -17.29
N GLY B 227 -20.17 15.33 -16.01
CA GLY B 227 -20.10 16.72 -15.62
C GLY B 227 -21.40 17.43 -16.15
N ASN B 228 -21.41 18.75 -15.97
CA ASN B 228 -22.49 19.53 -16.56
C ASN B 228 -21.93 20.91 -16.70
N GLU B 229 -22.82 21.88 -17.02
CA GLU B 229 -22.30 23.18 -17.29
CA GLU B 229 -22.35 23.27 -17.20
C GLU B 229 -21.62 23.85 -16.05
N TYR B 230 -21.85 23.31 -14.86
CA TYR B 230 -21.33 23.88 -13.64
C TYR B 230 -20.25 23.04 -12.99
N PHE B 231 -20.17 21.75 -13.22
CA PHE B 231 -19.23 20.85 -12.51
C PHE B 231 -18.37 20.11 -13.55
N PRO B 232 -17.13 19.82 -13.11
CA PRO B 232 -16.31 18.78 -13.75
C PRO B 232 -16.97 17.43 -13.53
N PRO B 233 -16.63 16.43 -14.33
CA PRO B 233 -17.00 15.07 -14.01
C PRO B 233 -16.62 14.67 -12.57
N THR B 234 -17.48 13.84 -11.97
CA THR B 234 -17.12 13.27 -10.66
C THR B 234 -15.74 12.61 -10.74
N SER B 235 -14.97 12.86 -9.69
CA SER B 235 -13.55 12.52 -9.68
C SER B 235 -13.25 11.40 -8.64
N PHE B 236 -12.81 10.22 -9.13
CA PHE B 236 -12.43 9.12 -8.25
C PHE B 236 -10.88 9.06 -8.20
N GLN B 237 -10.34 8.97 -6.98
CA GLN B 237 -8.89 8.84 -6.78
C GLN B 237 -8.60 7.85 -5.66
N ILE B 238 -7.61 7.01 -5.87
CA ILE B 238 -7.04 6.18 -4.82
C ILE B 238 -6.03 6.99 -4.03
N SER B 239 -6.20 7.13 -2.71
CA SER B 239 -5.25 7.86 -1.89
C SER B 239 -4.16 6.93 -1.25
N ASN B 240 -4.52 5.68 -0.99
CA ASN B 240 -3.57 4.81 -0.26
C ASN B 240 -3.82 3.39 -0.71
N ILE B 241 -2.76 2.61 -0.77
CA ILE B 241 -2.83 1.18 -1.04
C ILE B 241 -1.67 0.48 -0.32
N ASN B 242 -2.00 -0.49 0.53
CA ASN B 242 -0.93 -1.11 1.32
C ASN B 242 -1.23 -2.57 1.56
N GLY B 243 -0.30 -3.45 1.23
CA GLY B 243 -0.34 -4.84 1.55
C GLY B 243 1.06 -5.34 1.76
N GLY B 244 1.24 -6.20 2.76
CA GLY B 244 2.49 -6.84 3.07
C GLY B 244 3.25 -6.10 4.18
N THR B 245 4.32 -6.75 4.66
CA THR B 245 5.25 -6.24 5.67
C THR B 245 6.70 -6.32 5.26
N GLY B 246 7.00 -6.49 3.98
CA GLY B 246 8.30 -6.42 3.48
C GLY B 246 8.98 -7.75 3.15
N ALA B 247 8.32 -8.88 3.42
CA ALA B 247 8.88 -10.17 3.08
C ALA B 247 8.59 -10.45 1.61
N THR B 248 9.67 -10.71 0.88
CA THR B 248 9.55 -10.84 -0.57
C THR B 248 9.15 -12.26 -1.00
N ASN B 249 9.05 -13.20 -0.01
CA ASN B 249 8.65 -14.60 -0.29
C ASN B 249 7.31 -14.96 0.41
N VAL B 250 6.44 -13.95 0.66
CA VAL B 250 5.18 -14.18 1.28
C VAL B 250 4.10 -13.49 0.45
N ILE B 251 2.98 -14.24 0.22
CA ILE B 251 1.77 -13.67 -0.40
C ILE B 251 0.97 -13.11 0.74
N PRO B 252 0.56 -11.82 0.68
CA PRO B 252 -0.06 -11.23 1.81
C PRO B 252 -1.52 -11.70 1.99
N GLY B 253 -2.02 -11.59 3.24
CA GLY B 253 -3.34 -12.01 3.50
C GLY B 253 -4.43 -11.00 3.28
N GLU B 254 -4.11 -9.74 3.25
CA GLU B 254 -5.09 -8.71 3.04
C GLU B 254 -4.39 -7.53 2.43
N LEU B 255 -5.22 -6.71 1.77
CA LEU B 255 -4.82 -5.46 1.13
C LEU B 255 -5.77 -4.33 1.52
N ASN B 256 -5.20 -3.24 1.99
CA ASN B 256 -5.91 -2.04 2.41
CA ASN B 256 -6.02 -2.09 2.37
C ASN B 256 -5.94 -1.02 1.26
N VAL B 257 -7.10 -0.51 0.88
CA VAL B 257 -7.19 0.53 -0.15
C VAL B 257 -8.12 1.61 0.32
N LYS B 258 -7.66 2.83 0.24
CA LYS B 258 -8.47 3.98 0.55
C LYS B 258 -8.69 4.80 -0.71
N PHE B 259 -9.91 5.25 -0.93
CA PHE B 259 -10.26 6.03 -2.08
C PHE B 259 -11.27 7.06 -1.75
N ASN B 260 -11.42 8.02 -2.68
CA ASN B 260 -12.31 9.15 -2.49
C ASN B 260 -12.94 9.56 -3.80
N PHE B 261 -14.21 10.00 -3.69
CA PHE B 261 -14.92 10.72 -4.77
C PHE B 261 -15.12 12.17 -4.33
N ARG B 262 -14.83 13.10 -5.26
CA ARG B 262 -15.36 14.45 -5.19
C ARG B 262 -16.43 14.47 -6.29
N PHE B 263 -17.70 14.43 -5.84
CA PHE B 263 -18.76 14.12 -6.73
C PHE B 263 -19.72 15.32 -6.89
N SER B 264 -20.24 15.42 -8.09
CA SER B 264 -21.18 16.52 -8.40
C SER B 264 -22.65 16.08 -8.14
N THR B 265 -23.56 16.99 -8.52
CA THR B 265 -24.96 16.72 -8.45
C THR B 265 -25.40 15.72 -9.56
N GLU B 266 -24.52 15.37 -10.48
CA GLU B 266 -24.84 14.36 -11.48
C GLU B 266 -24.82 12.95 -10.94
N SER B 267 -24.20 12.73 -9.80
CA SER B 267 -24.18 11.41 -9.18
C SER B 267 -24.73 11.53 -7.77
N THR B 268 -25.19 10.43 -7.18
CA THR B 268 -25.61 10.45 -5.82
C THR B 268 -24.68 9.54 -4.94
N GLU B 269 -24.66 9.77 -3.67
CA GLU B 269 -23.88 8.98 -2.73
C GLU B 269 -24.25 7.49 -2.93
N ALA B 270 -25.60 7.22 -2.88
CA ALA B 270 -26.03 5.84 -2.95
C ALA B 270 -25.68 5.19 -4.25
N GLY B 271 -25.79 5.99 -5.39
CA GLY B 271 -25.53 5.45 -6.67
C GLY B 271 -24.04 5.11 -6.84
N LEU B 272 -23.17 5.97 -6.34
CA LEU B 272 -21.77 5.68 -6.42
C LEU B 272 -21.38 4.44 -5.60
N LYS B 273 -21.96 4.34 -4.40
CA LYS B 273 -21.69 3.13 -3.61
C LYS B 273 -22.11 1.90 -4.33
N GLN B 274 -23.30 1.97 -4.96
N GLN B 274 -23.31 1.98 -4.92
CA GLN B 274 -23.85 0.77 -5.58
CA GLN B 274 -23.89 0.82 -5.57
C GLN B 274 -22.88 0.39 -6.67
C GLN B 274 -23.02 0.39 -6.75
N ARG B 275 -22.46 1.38 -7.47
CA ARG B 275 -21.62 1.01 -8.65
CA ARG B 275 -21.63 1.02 -8.64
C ARG B 275 -20.25 0.40 -8.22
N VAL B 276 -19.69 0.95 -7.15
CA VAL B 276 -18.46 0.40 -6.60
C VAL B 276 -18.57 -1.02 -6.18
N HIS B 277 -19.64 -1.28 -5.38
CA HIS B 277 -19.90 -2.66 -4.95
C HIS B 277 -20.11 -3.57 -6.15
N ALA B 278 -20.85 -3.09 -7.17
CA ALA B 278 -21.09 -3.91 -8.35
C ALA B 278 -19.80 -4.26 -9.12
N ILE B 279 -18.88 -3.33 -9.17
CA ILE B 279 -17.63 -3.62 -9.83
C ILE B 279 -16.82 -4.66 -9.00
N LEU B 280 -16.71 -4.48 -7.70
CA LEU B 280 -16.00 -5.42 -6.87
C LEU B 280 -16.65 -6.81 -7.03
N ASP B 281 -17.98 -6.85 -6.92
CA ASP B 281 -18.66 -8.11 -6.86
C ASP B 281 -18.54 -8.84 -8.26
N LYS B 282 -18.59 -8.14 -9.39
CA LYS B 282 -18.45 -8.79 -10.70
C LYS B 282 -17.15 -9.51 -10.88
N HIS B 283 -16.12 -9.00 -10.24
CA HIS B 283 -14.79 -9.57 -10.31
C HIS B 283 -14.54 -10.56 -9.18
N GLY B 284 -15.55 -10.90 -8.39
CA GLY B 284 -15.36 -11.92 -7.39
C GLY B 284 -14.45 -11.51 -6.21
N VAL B 285 -14.28 -10.22 -6.00
CA VAL B 285 -13.45 -9.78 -4.91
C VAL B 285 -14.11 -10.07 -3.58
N GLN B 286 -13.35 -10.55 -2.59
CA GLN B 286 -13.87 -10.72 -1.28
C GLN B 286 -13.35 -9.59 -0.45
N TYR B 287 -14.22 -8.92 0.28
CA TYR B 287 -13.78 -7.65 0.95
C TYR B 287 -14.75 -7.22 2.05
N ASP B 288 -14.24 -6.29 2.84
CA ASP B 288 -14.96 -5.42 3.75
C ASP B 288 -14.84 -3.98 3.22
N LEU B 289 -15.91 -3.18 3.29
CA LEU B 289 -15.82 -1.80 2.78
C LEU B 289 -16.53 -0.88 3.76
N GLN B 290 -15.83 0.06 4.35
CA GLN B 290 -16.40 1.02 5.26
C GLN B 290 -16.44 2.37 4.50
N TRP B 291 -17.59 2.96 4.47
CA TRP B 291 -17.81 4.22 3.86
C TRP B 291 -17.86 5.40 4.85
N SER B 292 -17.48 6.59 4.40
CA SER B 292 -17.57 7.88 5.15
CA SER B 292 -17.73 7.83 5.15
C SER B 292 -17.98 8.93 4.11
N CYS B 293 -18.83 9.82 4.48
CA CYS B 293 -19.25 10.92 3.63
CA CYS B 293 -19.21 10.92 3.63
C CYS B 293 -19.24 12.21 4.37
N SER B 294 -18.32 13.09 4.02
CA SER B 294 -18.11 14.30 4.79
C SER B 294 -18.98 15.45 4.32
N GLY B 295 -19.59 15.36 3.18
CA GLY B 295 -20.49 16.37 2.72
C GLY B 295 -21.11 16.00 1.36
N GLN B 296 -22.21 16.74 1.04
CA GLN B 296 -22.96 16.53 -0.16
C GLN B 296 -22.78 17.70 -1.13
N PRO B 297 -22.84 17.43 -2.41
CA PRO B 297 -22.74 18.53 -3.38
C PRO B 297 -23.94 19.45 -3.22
N PHE B 298 -23.76 20.68 -3.63
CA PHE B 298 -24.85 21.63 -3.73
C PHE B 298 -24.66 22.50 -4.96
N LEU B 299 -25.76 23.10 -5.38
CA LEU B 299 -25.77 23.85 -6.63
C LEU B 299 -26.92 24.89 -6.65
N THR B 300 -26.54 26.08 -7.16
CA THR B 300 -27.54 27.09 -7.60
C THR B 300 -27.29 27.26 -9.06
N GLN B 301 -28.31 26.92 -9.90
CA GLN B 301 -28.14 27.13 -11.32
C GLN B 301 -28.10 28.63 -11.68
N ALA B 302 -27.57 28.93 -12.81
CA ALA B 302 -27.51 30.28 -13.29
C ALA B 302 -28.88 30.93 -13.33
N GLY B 303 -28.96 32.09 -12.73
CA GLY B 303 -30.26 32.76 -12.55
C GLY B 303 -30.06 34.13 -11.94
N LYS B 304 -31.05 34.64 -11.20
CA LYS B 304 -30.97 35.98 -10.71
C LYS B 304 -29.74 36.27 -9.92
N LEU B 305 -29.39 35.43 -8.95
CA LEU B 305 -28.31 35.79 -8.08
C LEU B 305 -26.99 35.78 -8.84
N THR B 306 -26.73 34.75 -9.67
CA THR B 306 -25.48 34.72 -10.40
C THR B 306 -25.46 35.87 -11.44
N ASP B 307 -26.60 36.21 -12.03
CA ASP B 307 -26.67 37.29 -12.99
C ASP B 307 -26.27 38.63 -12.31
N VAL B 308 -26.89 38.90 -11.16
CA VAL B 308 -26.64 40.17 -10.48
C VAL B 308 -25.23 40.26 -10.05
N ALA B 309 -24.64 39.13 -9.54
CA ALA B 309 -23.27 39.22 -9.16
C ALA B 309 -22.33 39.45 -10.33
N ARG B 310 -22.58 38.79 -11.48
CA ARG B 310 -21.78 39.08 -12.64
C ARG B 310 -22.00 40.53 -13.09
N ALA B 311 -23.17 41.07 -13.03
CA ALA B 311 -23.40 42.48 -13.44
C ALA B 311 -22.63 43.42 -12.53
N ALA B 312 -22.70 43.17 -11.21
CA ALA B 312 -22.01 44.02 -10.31
C ALA B 312 -20.51 43.99 -10.53
N ILE B 313 -19.94 42.82 -10.71
CA ILE B 313 -18.50 42.72 -10.96
C ILE B 313 -18.14 43.42 -12.31
N ALA B 314 -18.97 43.22 -13.35
CA ALA B 314 -18.64 43.95 -14.59
C ALA B 314 -18.54 45.50 -14.37
N GLU B 315 -19.51 46.02 -13.60
CA GLU B 315 -19.60 47.44 -13.43
C GLU B 315 -18.43 47.97 -12.55
N THR B 316 -18.13 47.29 -11.45
CA THR B 316 -17.13 47.73 -10.50
C THR B 316 -15.74 47.40 -10.93
N CYS B 317 -15.51 46.16 -11.41
CA CYS B 317 -14.19 45.63 -11.64
C CYS B 317 -13.80 45.62 -13.10
N GLY B 318 -14.74 45.68 -14.01
CA GLY B 318 -14.39 45.57 -15.45
C GLY B 318 -13.97 44.18 -15.89
N ILE B 319 -14.48 43.18 -15.18
CA ILE B 319 -14.09 41.78 -15.33
C ILE B 319 -15.42 41.02 -15.65
N GLU B 320 -15.29 40.06 -16.58
CA GLU B 320 -16.38 39.16 -16.91
C GLU B 320 -16.22 37.95 -16.02
N ALA B 321 -16.97 37.83 -14.97
CA ALA B 321 -16.92 36.73 -14.03
C ALA B 321 -17.49 35.49 -14.62
N GLU B 322 -16.83 34.40 -14.15
CA GLU B 322 -17.30 33.04 -14.44
C GLU B 322 -17.74 32.38 -13.16
N LEU B 323 -18.56 31.36 -13.34
CA LEU B 323 -19.07 30.50 -12.31
C LEU B 323 -18.18 29.26 -12.10
N SER B 324 -18.08 28.73 -10.90
CA SER B 324 -17.22 27.63 -10.57
C SER B 324 -17.87 26.78 -9.49
N THR B 325 -17.51 25.50 -9.50
CA THR B 325 -17.76 24.59 -8.41
C THR B 325 -16.52 23.86 -7.95
N THR B 326 -15.34 24.25 -8.37
CA THR B 326 -14.16 23.45 -8.15
C THR B 326 -13.65 23.52 -6.74
N GLY B 327 -12.63 22.71 -6.41
CA GLY B 327 -11.96 22.81 -5.11
C GLY B 327 -12.59 21.99 -4.02
N GLY B 328 -12.57 22.57 -2.81
CA GLY B 328 -13.12 21.93 -1.60
C GLY B 328 -14.59 22.34 -1.45
N THR B 329 -14.98 22.64 -0.20
CA THR B 329 -16.34 23.02 0.12
C THR B 329 -16.34 24.22 1.03
N SER B 330 -17.55 24.58 1.52
CA SER B 330 -17.73 25.73 2.40
C SER B 330 -19.01 25.46 3.22
N ASP B 331 -19.25 26.42 4.14
CA ASP B 331 -20.48 26.36 4.92
C ASP B 331 -21.75 26.57 4.10
N GLY B 332 -21.58 26.95 2.80
CA GLY B 332 -22.69 26.92 1.91
C GLY B 332 -23.38 25.59 1.82
N ARG B 333 -22.62 24.51 2.07
CA ARG B 333 -23.29 23.22 2.02
C ARG B 333 -24.42 23.02 2.99
N PHE B 334 -24.29 23.78 4.13
CA PHE B 334 -25.36 23.77 5.14
C PHE B 334 -26.42 24.79 4.80
N ILE B 335 -25.99 26.00 4.43
CA ILE B 335 -26.95 27.08 4.21
C ILE B 335 -27.86 26.82 3.02
N LYS B 336 -27.36 26.08 2.01
CA LYS B 336 -28.22 25.86 0.86
C LYS B 336 -29.57 25.22 1.20
N ALA B 337 -29.63 24.49 2.30
CA ALA B 337 -30.87 23.86 2.68
C ALA B 337 -31.96 24.89 3.05
N ILE B 338 -31.56 26.13 3.37
CA ILE B 338 -32.53 27.14 3.69
C ILE B 338 -32.48 28.34 2.75
N ALA B 339 -31.60 28.30 1.75
CA ALA B 339 -31.41 29.43 0.87
C ALA B 339 -31.71 28.98 -0.55
N GLN B 340 -32.66 29.66 -1.20
CA GLN B 340 -33.03 29.22 -2.51
C GLN B 340 -31.93 29.37 -3.53
N GLU B 341 -31.19 30.44 -3.44
CA GLU B 341 -30.04 30.71 -4.27
C GLU B 341 -28.86 31.12 -3.46
N LEU B 342 -27.66 30.53 -3.69
CA LEU B 342 -26.50 30.84 -2.85
C LEU B 342 -25.26 30.84 -3.77
N ILE B 343 -24.43 31.84 -3.53
CA ILE B 343 -23.12 31.90 -4.13
C ILE B 343 -22.05 32.11 -3.09
N GLU B 344 -20.81 31.86 -3.43
CA GLU B 344 -19.65 32.34 -2.67
C GLU B 344 -18.95 33.36 -3.47
N LEU B 345 -18.52 34.46 -2.86
CA LEU B 345 -17.86 35.58 -3.56
CA LEU B 345 -17.87 35.56 -3.57
C LEU B 345 -17.01 36.31 -2.59
N GLY B 346 -15.74 36.42 -2.87
CA GLY B 346 -14.79 37.14 -2.05
C GLY B 346 -13.50 37.38 -2.77
N PRO B 347 -12.50 37.90 -2.06
CA PRO B 347 -11.27 38.31 -2.69
C PRO B 347 -10.34 37.10 -2.95
N SER B 348 -9.12 37.36 -3.34
CA SER B 348 -8.21 36.27 -3.77
C SER B 348 -8.05 35.27 -2.64
N ASN B 349 -8.10 34.04 -3.13
CA ASN B 349 -7.77 32.91 -2.31
C ASN B 349 -6.37 32.36 -2.36
N ALA B 350 -5.47 33.08 -3.02
CA ALA B 350 -4.12 32.63 -3.26
C ALA B 350 -3.35 32.41 -2.00
N THR B 351 -3.61 33.20 -0.96
CA THR B 351 -2.78 33.14 0.16
C THR B 351 -3.47 32.59 1.40
N ILE B 352 -4.64 32.06 1.23
CA ILE B 352 -5.37 31.61 2.47
C ILE B 352 -4.56 30.49 3.21
N HIS B 353 -4.65 30.59 4.54
CA HIS B 353 -3.97 29.63 5.49
C HIS B 353 -2.52 29.60 5.32
N GLN B 354 -1.90 30.62 4.76
CA GLN B 354 -0.45 30.64 4.54
C GLN B 354 0.17 31.79 5.33
N ILE B 355 1.48 31.74 5.47
CA ILE B 355 2.17 32.92 6.08
C ILE B 355 2.02 34.13 5.13
N ASN B 356 2.13 35.32 5.65
CA ASN B 356 2.04 36.52 4.84
C ASN B 356 0.73 36.60 3.97
N GLU B 357 -0.37 36.08 4.56
CA GLU B 357 -1.68 36.18 3.95
C GLU B 357 -2.04 37.64 3.69
N ASN B 358 -2.61 37.90 2.55
CA ASN B 358 -2.88 39.29 2.17
C ASN B 358 -3.99 39.37 1.15
N VAL B 359 -4.49 40.62 0.95
CA VAL B 359 -5.31 40.98 -0.17
CA VAL B 359 -5.34 41.03 -0.15
C VAL B 359 -4.77 42.27 -0.80
N ARG B 360 -5.04 42.47 -2.09
CA ARG B 360 -4.74 43.73 -2.72
C ARG B 360 -5.55 44.86 -2.15
N LEU B 361 -4.91 45.94 -1.78
CA LEU B 361 -5.62 47.10 -1.28
C LEU B 361 -6.69 47.63 -2.16
N ASN B 362 -6.47 47.68 -3.44
CA ASN B 362 -7.45 48.24 -4.33
C ASN B 362 -8.65 47.30 -4.42
N ASP B 363 -8.50 46.02 -4.09
CA ASP B 363 -9.65 45.12 -4.15
C ASP B 363 -10.67 45.34 -3.07
N ILE B 364 -10.24 46.03 -1.99
CA ILE B 364 -11.09 46.20 -0.82
C ILE B 364 -12.36 47.05 -1.08
N PRO B 365 -12.22 48.30 -1.55
CA PRO B 365 -13.42 49.06 -1.88
C PRO B 365 -14.17 48.44 -3.03
N LYS B 366 -13.43 47.79 -3.98
CA LYS B 366 -14.12 47.13 -5.05
C LYS B 366 -15.06 46.02 -4.57
N LEU B 367 -14.58 45.17 -3.69
CA LEU B 367 -15.41 44.08 -3.16
C LEU B 367 -16.66 44.66 -2.48
N SER B 368 -16.43 45.70 -1.66
CA SER B 368 -17.59 46.30 -0.98
C SER B 368 -18.60 46.90 -2.02
N ALA B 369 -18.09 47.49 -3.08
CA ALA B 369 -18.99 48.04 -4.09
C ALA B 369 -19.70 46.99 -4.85
N VAL B 370 -19.04 45.81 -5.04
CA VAL B 370 -19.71 44.68 -5.65
C VAL B 370 -20.91 44.20 -4.74
N TYR B 371 -20.64 44.00 -3.44
CA TYR B 371 -21.64 43.54 -2.49
C TYR B 371 -22.83 44.58 -2.55
N GLU B 372 -22.47 45.86 -2.53
CA GLU B 372 -23.55 46.91 -2.53
C GLU B 372 -24.39 46.88 -3.80
N GLY B 373 -23.69 46.57 -4.97
CA GLY B 373 -24.34 46.38 -6.22
C GLY B 373 -25.28 45.23 -6.24
N ILE B 374 -24.88 44.11 -5.57
CA ILE B 374 -25.80 43.00 -5.42
C ILE B 374 -27.01 43.37 -4.62
N LEU B 375 -26.80 43.99 -3.47
CA LEU B 375 -27.94 44.43 -2.64
C LEU B 375 -28.86 45.27 -3.46
N ALA B 376 -28.33 46.23 -4.23
CA ALA B 376 -29.18 47.18 -4.97
C ALA B 376 -29.98 46.43 -6.08
N ARG B 377 -29.37 45.50 -6.78
CA ARG B 377 -30.05 44.78 -7.83
C ARG B 377 -31.09 43.86 -7.28
N LEU B 378 -30.93 43.34 -6.06
CA LEU B 378 -31.95 42.43 -5.47
C LEU B 378 -33.07 43.13 -4.71
N LEU B 379 -32.72 44.25 -4.10
CA LEU B 379 -33.60 44.90 -3.05
C LEU B 379 -34.12 46.36 -3.44
N ALA B 380 -33.51 46.99 -4.45
CA ALA B 380 -33.96 48.36 -4.80
C ALA B 380 -34.92 48.19 -5.97
ZN ZN C . 17.76 -28.18 3.96
ZN ZN D . 16.14 -25.57 5.24
S SO4 E . 10.13 -27.31 -0.33
O1 SO4 E . 9.85 -28.35 -1.36
O2 SO4 E . 10.58 -27.89 0.97
O3 SO4 E . 11.08 -26.38 -0.89
O4 SO4 E . 8.85 -26.69 -0.09
S SO4 F . 14.05 -15.87 -2.60
O1 SO4 F . 15.40 -15.39 -2.99
O2 SO4 F . 14.00 -16.58 -1.26
O3 SO4 F . 13.64 -16.83 -3.67
O4 SO4 F . 13.11 -14.73 -2.47
ZN ZN G . -10.16 29.07 5.78
ZN ZN H . -12.95 30.80 5.20
ZN ZN I . -29.81 53.30 -5.85
S SO4 J . -12.52 15.04 3.07
O1 SO4 J . -11.81 13.74 2.89
O2 SO4 J . -13.50 14.83 4.13
O3 SO4 J . -13.23 15.48 1.86
O4 SO4 J . -11.50 16.10 3.44
S SO4 K . -11.09 26.29 -2.65
O1 SO4 K . -10.25 27.10 -1.74
O2 SO4 K . -11.61 25.11 -1.93
O3 SO4 K . -10.27 25.84 -3.80
O4 SO4 K . -12.22 27.11 -3.14
S SO4 L . -26.67 46.17 -14.95
O1 SO4 L . -27.49 45.57 -13.66
O2 SO4 L . -25.19 46.61 -14.71
O3 SO4 L . -27.23 47.44 -15.56
O4 SO4 L . -26.98 45.08 -15.96
#